data_1DL8
# 
_entry.id   1DL8 
# 
_audit_conform.dict_name       mmcif_pdbx.dic 
_audit_conform.dict_version    5.389 
_audit_conform.dict_location   http://mmcif.pdb.org/dictionaries/ascii/mmcif_pdbx.dic 
# 
loop_
_database_2.database_id 
_database_2.database_code 
_database_2.pdbx_database_accession 
_database_2.pdbx_DOI 
PDB   1DL8         pdb_00001dl8 10.2210/pdb1dl8/pdb 
NDB   DD0023       ?            ?                   
RCSB  RCSB010179   ?            ?                   
WWPDB D_1000010179 ?            ?                   
# 
loop_
_pdbx_audit_revision_history.ordinal 
_pdbx_audit_revision_history.data_content_type 
_pdbx_audit_revision_history.major_revision 
_pdbx_audit_revision_history.minor_revision 
_pdbx_audit_revision_history.revision_date 
1 'Structure model' 1 0 2000-10-30 
2 'Structure model' 1 1 2008-04-27 
3 'Structure model' 1 2 2011-07-13 
4 'Structure model' 1 3 2024-02-07 
5 'Structure model' 1 4 2024-04-03 
# 
_pdbx_audit_revision_details.ordinal             1 
_pdbx_audit_revision_details.revision_ordinal    1 
_pdbx_audit_revision_details.data_content_type   'Structure model' 
_pdbx_audit_revision_details.provider            repository 
_pdbx_audit_revision_details.type                'Initial release' 
_pdbx_audit_revision_details.description         ? 
_pdbx_audit_revision_details.details             ? 
# 
loop_
_pdbx_audit_revision_group.ordinal 
_pdbx_audit_revision_group.revision_ordinal 
_pdbx_audit_revision_group.data_content_type 
_pdbx_audit_revision_group.group 
1 2 'Structure model' 'Version format compliance' 
2 3 'Structure model' 'Version format compliance' 
3 4 'Structure model' 'Data collection'           
4 4 'Structure model' 'Database references'       
5 4 'Structure model' 'Derived calculations'      
6 5 'Structure model' 'Refinement description'    
# 
loop_
_pdbx_audit_revision_category.ordinal 
_pdbx_audit_revision_category.revision_ordinal 
_pdbx_audit_revision_category.data_content_type 
_pdbx_audit_revision_category.category 
1 4 'Structure model' chem_comp_atom                
2 4 'Structure model' chem_comp_bond                
3 4 'Structure model' database_2                    
4 4 'Structure model' struct_site                   
5 5 'Structure model' pdbx_initial_refinement_model 
# 
loop_
_pdbx_audit_revision_item.ordinal 
_pdbx_audit_revision_item.revision_ordinal 
_pdbx_audit_revision_item.data_content_type 
_pdbx_audit_revision_item.item 
1 4 'Structure model' '_database_2.pdbx_DOI'                
2 4 'Structure model' '_database_2.pdbx_database_accession' 
3 4 'Structure model' '_struct_site.pdbx_auth_asym_id'      
4 4 'Structure model' '_struct_site.pdbx_auth_comp_id'      
5 4 'Structure model' '_struct_site.pdbx_auth_seq_id'       
# 
_pdbx_database_status.status_code                     REL 
_pdbx_database_status.entry_id                        1DL8 
_pdbx_database_status.recvd_initial_deposition_date   1999-12-08 
_pdbx_database_status.deposit_site                    RCSB 
_pdbx_database_status.process_site                    RCSB 
_pdbx_database_status.status_code_sf                  REL 
_pdbx_database_status.SG_entry                        . 
_pdbx_database_status.pdb_format_compatible           Y 
_pdbx_database_status.status_code_mr                  ? 
_pdbx_database_status.status_code_cs                  ? 
_pdbx_database_status.status_code_nmr_data            ? 
_pdbx_database_status.methods_development_category    ? 
# 
loop_
_pdbx_database_related.db_name 
_pdbx_database_related.db_id 
_pdbx_database_related.details 
_pdbx_database_related.content_type 
NDB DD0015 '9-AMINO-(N-(2-DIMETHYLAMINO)ETHYL)ACRIDINE-4-CARBOXAMIDE BOUND TO D(CGTACG)2'            unspecified 
NDB DDB074 '6-BR-9-AMINO-(N-(2-DIMETHYLAMINO)ETHYL)ACRIDINE-4-CARBOXAMIDE BOUND TO D(CG(5-BRU)ACG)2' unspecified 
# 
loop_
_audit_author.name 
_audit_author.pdbx_ordinal 
'Adams, A.'     1 
'Guss, J.M.'    2 
'Collyer, C.A.' 3 
'Denny, W.A.'   4 
'Wakelin, L.P.' 5 
# 
_citation.id                        primary 
_citation.title                     
;Acridinecarboxamide topoisomerase poisons: structural and kinetic studies of the DNA complexes of 5-substituted 9-amino-(N-(2-dimethylamino)ethyl)acridine-4-carboxamides.
;
_citation.journal_abbrev            Mol.Pharmacol. 
_citation.journal_volume            58 
_citation.page_first                649 
_citation.page_last                 658 
_citation.year                      2000 
_citation.journal_id_ASTM           MOPMA3 
_citation.country                   US 
_citation.journal_id_ISSN           0026-895X 
_citation.journal_id_CSD            0197 
_citation.book_publisher            ? 
_citation.pdbx_database_id_PubMed   10953060 
_citation.pdbx_database_id_DOI      ? 
# 
loop_
_citation_author.citation_id 
_citation_author.name 
_citation_author.ordinal 
_citation_author.identifier_ORCID 
primary 'Adams, A.'     1 ? 
primary 'Guss, J.M.'    2 ? 
primary 'Collyer, C.A.' 3 ? 
primary 'Denny, W.A.'   4 ? 
primary 'Prakash, A.S.' 5 ? 
primary 'Wakelin, L.P.' 6 ? 
# 
loop_
_entity.id 
_entity.type 
_entity.src_method 
_entity.pdbx_description 
_entity.formula_weight 
_entity.pdbx_number_of_molecules 
_entity.pdbx_ec 
_entity.pdbx_mutation 
_entity.pdbx_fragment 
_entity.details 
1 polymer     syn 
;DNA (5'-D(*CP*GP*TP*AP*CP*G)-3')
;
1809.217 1  ? ? ? ? 
2 non-polymer syn '5-FLUORO-9-AMINO-(N-(2-DIMETHYLAMINO)ETHYL)ACRIDINE-4-CARBOXAMIDE' 326.368  2  ? ? ? ? 
3 water       nat water                                                               18.015   22 ? ? ? ? 
# 
_entity_poly.entity_id                      1 
_entity_poly.type                           polydeoxyribonucleotide 
_entity_poly.nstd_linkage                   no 
_entity_poly.nstd_monomer                   no 
_entity_poly.pdbx_seq_one_letter_code       '(DC)(DG)(DT)(DA)(DC)(DG)' 
_entity_poly.pdbx_seq_one_letter_code_can   CGTACG 
_entity_poly.pdbx_strand_id                 A 
_entity_poly.pdbx_target_identifier         ? 
# 
loop_
_pdbx_entity_nonpoly.entity_id 
_pdbx_entity_nonpoly.name 
_pdbx_entity_nonpoly.comp_id 
2 '5-FLUORO-9-AMINO-(N-(2-DIMETHYLAMINO)ETHYL)ACRIDINE-4-CARBOXAMIDE' DA7 
3 water                                                               HOH 
# 
loop_
_entity_poly_seq.entity_id 
_entity_poly_seq.num 
_entity_poly_seq.mon_id 
_entity_poly_seq.hetero 
1 1 DC n 
1 2 DG n 
1 3 DT n 
1 4 DA n 
1 5 DC n 
1 6 DG n 
# 
loop_
_chem_comp.id 
_chem_comp.type 
_chem_comp.mon_nstd_flag 
_chem_comp.name 
_chem_comp.pdbx_synonyms 
_chem_comp.formula 
_chem_comp.formula_weight 
DA  'DNA linking' y "2'-DEOXYADENOSINE-5'-MONOPHOSPHATE"                                ? 'C10 H14 N5 O6 P' 331.222 
DA7 non-polymer   . '5-FLUORO-9-AMINO-(N-(2-DIMETHYLAMINO)ETHYL)ACRIDINE-4-CARBOXAMIDE' ? 'C18 H19 F N4 O'  326.368 
DC  'DNA linking' y "2'-DEOXYCYTIDINE-5'-MONOPHOSPHATE"                                 ? 'C9 H14 N3 O7 P'  307.197 
DG  'DNA linking' y "2'-DEOXYGUANOSINE-5'-MONOPHOSPHATE"                                ? 'C10 H14 N5 O7 P' 347.221 
DT  'DNA linking' y "THYMIDINE-5'-MONOPHOSPHATE"                                        ? 'C10 H15 N2 O8 P' 322.208 
HOH non-polymer   . WATER                                                               ? 'H2 O'            18.015  
# 
loop_
_pdbx_poly_seq_scheme.asym_id 
_pdbx_poly_seq_scheme.entity_id 
_pdbx_poly_seq_scheme.seq_id 
_pdbx_poly_seq_scheme.mon_id 
_pdbx_poly_seq_scheme.ndb_seq_num 
_pdbx_poly_seq_scheme.pdb_seq_num 
_pdbx_poly_seq_scheme.auth_seq_num 
_pdbx_poly_seq_scheme.pdb_mon_id 
_pdbx_poly_seq_scheme.auth_mon_id 
_pdbx_poly_seq_scheme.pdb_strand_id 
_pdbx_poly_seq_scheme.pdb_ins_code 
_pdbx_poly_seq_scheme.hetero 
A 1 1 DC 1 1001 1001 DC C A . n 
A 1 2 DG 2 1002 1002 DG G A . n 
A 1 3 DT 3 1003 1003 DT T A . n 
A 1 4 DA 4 1004 1004 DA A A . n 
A 1 5 DC 5 1005 1005 DC C A . n 
A 1 6 DG 6 1006 1006 DG G A . n 
# 
loop_
_pdbx_nonpoly_scheme.asym_id 
_pdbx_nonpoly_scheme.entity_id 
_pdbx_nonpoly_scheme.mon_id 
_pdbx_nonpoly_scheme.ndb_seq_num 
_pdbx_nonpoly_scheme.pdb_seq_num 
_pdbx_nonpoly_scheme.auth_seq_num 
_pdbx_nonpoly_scheme.pdb_mon_id 
_pdbx_nonpoly_scheme.auth_mon_id 
_pdbx_nonpoly_scheme.pdb_strand_id 
_pdbx_nonpoly_scheme.pdb_ins_code 
B 2 DA7 1  3014 3014 DA7 DA7 A . 
C 2 DA7 1  3015 3015 DA7 DA7 A . 
D 3 HOH 1  4001 4001 HOH HOH A . 
D 3 HOH 2  4002 4002 HOH HOH A . 
D 3 HOH 3  4003 4003 HOH HOH A . 
D 3 HOH 4  4004 4004 HOH HOH A . 
D 3 HOH 5  4005 4005 HOH HOH A . 
D 3 HOH 6  4006 4006 HOH HOH A . 
D 3 HOH 7  4007 4007 HOH HOH A . 
D 3 HOH 8  4008 4008 HOH HOH A . 
D 3 HOH 9  4009 4009 HOH HOH A . 
D 3 HOH 10 4010 4010 HOH HOH A . 
D 3 HOH 11 4011 4011 HOH HOH A . 
D 3 HOH 12 4012 4012 HOH HOH A . 
D 3 HOH 13 4013 4013 HOH HOH A . 
D 3 HOH 14 4014 4014 HOH HOH A . 
D 3 HOH 15 4015 4015 HOH HOH A . 
D 3 HOH 16 4016 4016 HOH HOH A . 
D 3 HOH 17 4017 4017 HOH HOH A . 
D 3 HOH 18 4018 4018 HOH HOH A . 
D 3 HOH 19 4019 4019 HOH HOH A . 
D 3 HOH 20 4020 4020 HOH HOH A . 
D 3 HOH 21 4021 4021 HOH HOH A . 
D 3 HOH 22 4022 4022 HOH HOH A . 
# 
loop_
_software.name 
_software.classification 
_software.version 
_software.citation_id 
_software.pdbx_ordinal 
SHELXL-97 refinement       . ? 1 
DENZO     'data reduction' . ? 2 
SCALEPACK 'data scaling'   . ? 3 
# 
_cell.entry_id           1DL8 
_cell.length_a           30.140 
_cell.length_b           30.140 
_cell.length_c           39.400 
_cell.angle_alpha        90.00 
_cell.angle_beta         90.00 
_cell.angle_gamma        120.00 
_cell.Z_PDB              6 
_cell.pdbx_unique_axis   ? 
# 
_symmetry.entry_id                         1DL8 
_symmetry.space_group_name_H-M             'P 64' 
_symmetry.pdbx_full_space_group_name_H-M   ? 
_symmetry.cell_setting                     hexagonal 
_symmetry.Int_Tables_number                172 
# 
_exptl.entry_id          1DL8 
_exptl.method            'X-RAY DIFFRACTION' 
_exptl.crystals_number   1 
# 
_exptl_crystal.id                    1 
_exptl_crystal.density_meas          ? 
_exptl_crystal.density_Matthews      2.83 
_exptl_crystal.density_percent_sol   56.6 
_exptl_crystal.description           ? 
# 
_exptl_crystal_grow.crystal_id      1 
_exptl_crystal_grow.method          'VAPOR DIFFUSION' 
_exptl_crystal_grow.temp            291 
_exptl_crystal_grow.temp_details    ? 
_exptl_crystal_grow.pH              6.5 
_exptl_crystal_grow.pdbx_details    'MPD, SODIUM CACODYLATE, SPERMINE, NACL, MGCL2, pH 6.5, VAPOR DIFFUSION, temperature 291K' 
_exptl_crystal_grow.pdbx_pH_range   ? 
# 
loop_
_exptl_crystal_grow_comp.crystal_id 
_exptl_crystal_grow_comp.id 
_exptl_crystal_grow_comp.sol_id 
_exptl_crystal_grow_comp.name 
_exptl_crystal_grow_comp.volume 
_exptl_crystal_grow_comp.conc 
_exptl_crystal_grow_comp.details 
1 1 1 'SODIUM CACODYLATE' ? ? ? 
1 2 1 SPERMINE            ? ? ? 
1 3 1 NACL                ? ? ? 
1 4 1 MGCL2               ? ? ? 
1 5 1 MPD                 ? ? ? 
1 6 2 MPD                 ? ? ? 
# 
_diffrn.id                     1 
_diffrn.ambient_temp           110 
_diffrn.ambient_temp_details   ? 
_diffrn.crystal_id             1 
# 
_diffrn_detector.diffrn_id              1 
_diffrn_detector.detector               'IMAGE PLATE' 
_diffrn_detector.type                   'RIGAKU RAXIS II' 
_diffrn_detector.pdbx_collection_date   1998-03-20 
_diffrn_detector.details                ? 
# 
_diffrn_radiation.diffrn_id                        1 
_diffrn_radiation.wavelength_id                    1 
_diffrn_radiation.pdbx_monochromatic_or_laue_m_l   M 
_diffrn_radiation.monochromator                    ? 
_diffrn_radiation.pdbx_diffrn_protocol             'SINGLE WAVELENGTH' 
_diffrn_radiation.pdbx_scattering_type             x-ray 
# 
_diffrn_radiation_wavelength.id           1 
_diffrn_radiation_wavelength.wavelength   1.5418 
_diffrn_radiation_wavelength.wt           1.0 
# 
_diffrn_source.diffrn_id                   1 
_diffrn_source.source                      'ROTATING ANODE' 
_diffrn_source.type                        'RIGAKU RU200' 
_diffrn_source.pdbx_synchrotron_site       ? 
_diffrn_source.pdbx_synchrotron_beamline   ? 
_diffrn_source.pdbx_wavelength             1.5418 
_diffrn_source.pdbx_wavelength_list        ? 
# 
_reflns.entry_id                     1DL8 
_reflns.observed_criterion_sigma_I   0.0 
_reflns.observed_criterion_sigma_F   0.0 
_reflns.d_resolution_low             50 
_reflns.d_resolution_high            1.55 
_reflns.number_obs                   3006 
_reflns.number_all                   3022 
_reflns.percent_possible_obs         99.5 
_reflns.pdbx_Rmerge_I_obs            0.0550000 
_reflns.pdbx_Rsym_value              ? 
_reflns.pdbx_netI_over_sigmaI        36.6 
_reflns.B_iso_Wilson_estimate        14.03 
_reflns.pdbx_redundancy              9.6 
_reflns.R_free_details               ? 
_reflns.pdbx_diffrn_id               1 
_reflns.pdbx_ordinal                 1 
# 
_reflns_shell.d_res_high             1.55 
_reflns_shell.d_res_low              1.61 
_reflns_shell.percent_possible_all   97.3 
_reflns_shell.Rmerge_I_obs           0.2430000 
_reflns_shell.pdbx_Rsym_value        ? 
_reflns_shell.meanI_over_sigI_obs    ? 
_reflns_shell.pdbx_redundancy        3.4 
_reflns_shell.percent_possible_obs   ? 
_reflns_shell.number_unique_all      ? 
_reflns_shell.pdbx_diffrn_id         ? 
_reflns_shell.pdbx_ordinal           1 
# 
_refine.entry_id                                 1DL8 
_refine.ls_number_reflns_obs                     2978 
_refine.ls_number_reflns_all                     2978 
_refine.pdbx_ls_sigma_I                          0.0 
_refine.pdbx_ls_sigma_F                          0.0 
_refine.pdbx_data_cutoff_high_absF               ? 
_refine.pdbx_data_cutoff_low_absF                ? 
_refine.pdbx_data_cutoff_high_rms_absF           ? 
_refine.ls_d_res_low                             16.0 
_refine.ls_d_res_high                            1.55 
_refine.ls_percent_reflns_obs                    99.3 
_refine.ls_R_factor_obs                          0.2139000 
_refine.ls_R_factor_all                          0.2159000 
_refine.ls_R_factor_R_work                       0.2139000 
_refine.ls_R_factor_R_free                       0.2694000 
_refine.ls_R_factor_R_free_error                 ? 
_refine.ls_R_factor_R_free_error_details         ? 
_refine.ls_percent_reflns_R_free                 8.3 
_refine.ls_number_reflns_R_free                  248 
_refine.ls_number_parameters                     755 
_refine.ls_number_restraints                     1032 
_refine.occupancy_min                            ? 
_refine.occupancy_max                            ? 
_refine.B_iso_mean                               ? 
_refine.aniso_B[1][1]                            ? 
_refine.aniso_B[2][2]                            ? 
_refine.aniso_B[3][3]                            ? 
_refine.aniso_B[1][2]                            ? 
_refine.aniso_B[1][3]                            ? 
_refine.aniso_B[2][3]                            ? 
_refine.solvent_model_details                    'MOEWS & KRETSINGER: J.MOL.BIOL. 91(1973) 201-228' 
_refine.solvent_model_param_ksol                 ? 
_refine.solvent_model_param_bsol                 ? 
_refine.pdbx_ls_cross_valid_method               'FREE R' 
_refine.details                                  ? 
_refine.pdbx_starting_model                      'NDB ID DD0015' 
_refine.pdbx_method_to_determine_struct          ? 
_refine.pdbx_isotropic_thermal_model             ? 
_refine.pdbx_stereochemistry_target_values       ? 
_refine.pdbx_stereochem_target_val_spec_case     ? 
_refine.pdbx_R_Free_selection_details            RANDOM 
_refine.pdbx_overall_ESU_R                       ? 
_refine.pdbx_overall_ESU_R_Free                  ? 
_refine.overall_SU_ML                            ? 
_refine.overall_SU_B                             ? 
_refine.ls_redundancy_reflns_obs                 ? 
_refine.correlation_coeff_Fo_to_Fc               ? 
_refine.correlation_coeff_Fo_to_Fc_free          ? 
_refine.overall_SU_R_Cruickshank_DPI             ? 
_refine.overall_SU_R_free                        ? 
_refine.pdbx_refine_id                           'X-RAY DIFFRACTION' 
_refine.pdbx_diffrn_id                           1 
_refine.pdbx_TLS_residual_ADP_flag               ? 
_refine.pdbx_solvent_vdw_probe_radii             ? 
_refine.pdbx_solvent_ion_probe_radii             ? 
_refine.pdbx_solvent_shrinkage_radii             ? 
_refine.pdbx_overall_phase_error                 ? 
_refine.pdbx_overall_SU_R_free_Cruickshank_DPI   ? 
_refine.pdbx_overall_SU_R_Blow_DPI               ? 
_refine.pdbx_overall_SU_R_free_Blow_DPI          ? 
# 
_refine_analyze.entry_id                        1DL8 
_refine_analyze.Luzzati_coordinate_error_obs    ? 
_refine_analyze.Luzzati_sigma_a_obs             ? 
_refine_analyze.Luzzati_d_res_low_obs           ? 
_refine_analyze.Luzzati_coordinate_error_free   ? 
_refine_analyze.Luzzati_sigma_a_free            ? 
_refine_analyze.Luzzati_d_res_low_free          ? 
_refine_analyze.number_disordered_residues      1 
_refine_analyze.occupancy_sum_hydrogen          ? 
_refine_analyze.occupancy_sum_non_hydrogen      174.38 
_refine_analyze.pdbx_refine_id                  'X-RAY DIFFRACTION' 
# 
_refine_hist.pdbx_refine_id                   'X-RAY DIFFRACTION' 
_refine_hist.cycle_id                         LAST 
_refine_hist.pdbx_number_atoms_protein        0 
_refine_hist.pdbx_number_atoms_nucleic_acid   120 
_refine_hist.pdbx_number_atoms_ligand         48 
_refine_hist.number_atoms_solvent             22 
_refine_hist.number_atoms_total               190 
_refine_hist.d_res_high                       1.55 
_refine_hist.d_res_low                        16.0 
# 
loop_
_refine_ls_restr.type 
_refine_ls_restr.dev_ideal 
_refine_ls_restr.dev_ideal_target 
_refine_ls_restr.weight 
_refine_ls_restr.number 
_refine_ls_restr.pdbx_refine_id 
_refine_ls_restr.pdbx_restraint_function 
s_bond_d               0.012 ? ? ? 'X-RAY DIFFRACTION' ? 
s_angle_d              0.021 ? ? ? 'X-RAY DIFFRACTION' ? 
s_similar_dist         ?     ? ? ? 'X-RAY DIFFRACTION' ? 
s_from_restr_planes    ?     ? ? ? 'X-RAY DIFFRACTION' ? 
s_zero_chiral_vol      ?     ? ? ? 'X-RAY DIFFRACTION' ? 
s_non_zero_chiral_vol  ?     ? ? ? 'X-RAY DIFFRACTION' ? 
s_anti_bump_dis_restr  ?     ? ? ? 'X-RAY DIFFRACTION' ? 
s_rigid_bond_adp_cmpnt ?     ? ? ? 'X-RAY DIFFRACTION' ? 
s_similar_adp_cmpnt    ?     ? ? ? 'X-RAY DIFFRACTION' ? 
s_approx_iso_adps      ?     ? ? ? 'X-RAY DIFFRACTION' ? 
# 
_pdbx_refine.entry_id                                    1DL8 
_pdbx_refine.R_factor_all_no_cutoff                      ? 
_pdbx_refine.R_factor_obs_no_cutoff                      ? 
_pdbx_refine.free_R_factor_no_cutoff                     ? 
_pdbx_refine.free_R_val_test_set_size_perc_no_cutoff     ? 
_pdbx_refine.free_R_val_test_set_ct_no_cutoff            ? 
_pdbx_refine.R_factor_all_4sig_cutoff                    0.2089000 
_pdbx_refine.R_factor_obs_4sig_cutoff                    0.2072000 
_pdbx_refine.free_R_factor_4sig_cutoff                   0.2615000 
_pdbx_refine.free_R_val_test_set_size_perc_4sig_cutoff   8.3 
_pdbx_refine.free_R_val_test_set_ct_4sig_cutoff          227 
_pdbx_refine.number_reflns_obs_4sig_cutoff               2720 
_pdbx_refine.number_reflns_obs_no_cutoff                 ? 
_pdbx_refine.pdbx_refine_id                              'X-RAY DIFFRACTION' 
_pdbx_refine.free_R_error_no_cutoff                      ? 
# 
_struct.entry_id                  1DL8 
_struct.title                     
'CRYSTAL STRUCTURE OF 5-F-9-AMINO-(N-(2-DIMETHYLAMINO)ETHYL)ACRIDINE-4-CARBOXAMIDE BOUND TO D(CGTACG)2' 
_struct.pdbx_model_details        ? 
_struct.pdbx_CASP_flag            ? 
_struct.pdbx_model_type_details   ? 
# 
_struct_keywords.entry_id        1DL8 
_struct_keywords.pdbx_keywords   DNA 
_struct_keywords.text            'INTERCALATION, DNA, ACRIDINE' 
# 
loop_
_struct_asym.id 
_struct_asym.pdbx_blank_PDB_chainid_flag 
_struct_asym.pdbx_modified 
_struct_asym.entity_id 
_struct_asym.details 
A N N 1 ? 
B N N 2 ? 
C N N 2 ? 
D N N 3 ? 
# 
_struct_ref.id                         1 
_struct_ref.entity_id                  1 
_struct_ref.db_name                    PDB 
_struct_ref.db_code                    1DL8 
_struct_ref.pdbx_db_accession          1DL8 
_struct_ref.pdbx_db_isoform            ? 
_struct_ref.pdbx_seq_one_letter_code   ? 
_struct_ref.pdbx_align_begin           ? 
# 
_struct_ref_seq.align_id                      1 
_struct_ref_seq.ref_id                        1 
_struct_ref_seq.pdbx_PDB_id_code              1DL8 
_struct_ref_seq.pdbx_strand_id                A 
_struct_ref_seq.seq_align_beg                 1 
_struct_ref_seq.pdbx_seq_align_beg_ins_code   ? 
_struct_ref_seq.seq_align_end                 6 
_struct_ref_seq.pdbx_seq_align_end_ins_code   ? 
_struct_ref_seq.pdbx_db_accession             1DL8 
_struct_ref_seq.db_align_beg                  1001 
_struct_ref_seq.pdbx_db_align_beg_ins_code    ? 
_struct_ref_seq.db_align_end                  1006 
_struct_ref_seq.pdbx_db_align_end_ins_code    ? 
_struct_ref_seq.pdbx_auth_seq_align_beg       1001 
_struct_ref_seq.pdbx_auth_seq_align_end       1006 
# 
_pdbx_struct_assembly.id                   1 
_pdbx_struct_assembly.details              author_defined_assembly 
_pdbx_struct_assembly.method_details       ? 
_pdbx_struct_assembly.oligomeric_details   dimeric 
_pdbx_struct_assembly.oligomeric_count     2 
# 
_pdbx_struct_assembly_gen.assembly_id       1 
_pdbx_struct_assembly_gen.oper_expression   1,2 
_pdbx_struct_assembly_gen.asym_id_list      A,B,C,D 
# 
loop_
_pdbx_struct_oper_list.id 
_pdbx_struct_oper_list.type 
_pdbx_struct_oper_list.name 
_pdbx_struct_oper_list.symmetry_operation 
_pdbx_struct_oper_list.matrix[1][1] 
_pdbx_struct_oper_list.matrix[1][2] 
_pdbx_struct_oper_list.matrix[1][3] 
_pdbx_struct_oper_list.vector[1] 
_pdbx_struct_oper_list.matrix[2][1] 
_pdbx_struct_oper_list.matrix[2][2] 
_pdbx_struct_oper_list.matrix[2][3] 
_pdbx_struct_oper_list.vector[2] 
_pdbx_struct_oper_list.matrix[3][1] 
_pdbx_struct_oper_list.matrix[3][2] 
_pdbx_struct_oper_list.matrix[3][3] 
_pdbx_struct_oper_list.vector[3] 
1 'identity operation'         1_555 x,y,z     1.0000000000 0.0000000000 0.0000000000  0.0000000000  0.0000000000 1.0000000000  0.0000000000  0.0000000000 0.0000000000  0.0000000000  1.0000000000  0.0000000000  
2 'crystal symmetry operation' 4_655 -x+1,-y,z 0.7670109142 0.6188196729 -0.1695773273 -1.6979010340 0.6188196729 -0.7832849902 -0.0593871749 4.6055696919 -0.1695773273 -0.0593871749 -0.9837259240 -0.8856875543 
# 
_struct_biol.id                    1 
_struct_biol.pdbx_parent_biol_id   ? 
_struct_biol.details               ? 
# 
loop_
_struct_conn.id 
_struct_conn.conn_type_id 
_struct_conn.pdbx_leaving_atom_flag 
_struct_conn.pdbx_PDB_id 
_struct_conn.ptnr1_label_asym_id 
_struct_conn.ptnr1_label_comp_id 
_struct_conn.ptnr1_label_seq_id 
_struct_conn.ptnr1_label_atom_id 
_struct_conn.pdbx_ptnr1_label_alt_id 
_struct_conn.pdbx_ptnr1_PDB_ins_code 
_struct_conn.pdbx_ptnr1_standard_comp_id 
_struct_conn.ptnr1_symmetry 
_struct_conn.ptnr2_label_asym_id 
_struct_conn.ptnr2_label_comp_id 
_struct_conn.ptnr2_label_seq_id 
_struct_conn.ptnr2_label_atom_id 
_struct_conn.pdbx_ptnr2_label_alt_id 
_struct_conn.pdbx_ptnr2_PDB_ins_code 
_struct_conn.ptnr1_auth_asym_id 
_struct_conn.ptnr1_auth_comp_id 
_struct_conn.ptnr1_auth_seq_id 
_struct_conn.ptnr2_auth_asym_id 
_struct_conn.ptnr2_auth_comp_id 
_struct_conn.ptnr2_auth_seq_id 
_struct_conn.ptnr2_symmetry 
_struct_conn.pdbx_ptnr3_label_atom_id 
_struct_conn.pdbx_ptnr3_label_seq_id 
_struct_conn.pdbx_ptnr3_label_comp_id 
_struct_conn.pdbx_ptnr3_label_asym_id 
_struct_conn.pdbx_ptnr3_label_alt_id 
_struct_conn.pdbx_ptnr3_PDB_ins_code 
_struct_conn.details 
_struct_conn.pdbx_dist_value 
_struct_conn.pdbx_value_order 
_struct_conn.pdbx_role 
hydrog1  hydrog ? ? A DC 1 N3 ? ? ? 1_555 A DG 6 N1 ? ? A DC 1001 A DG 1006 4_655 ? ? ? ? ? ? WATSON-CRICK ? ? ? 
hydrog2  hydrog ? ? A DC 1 N4 ? ? ? 1_555 A DG 6 O6 ? ? A DC 1001 A DG 1006 4_655 ? ? ? ? ? ? WATSON-CRICK ? ? ? 
hydrog3  hydrog ? ? A DC 1 O2 ? ? ? 1_555 A DG 6 N2 ? ? A DC 1001 A DG 1006 4_655 ? ? ? ? ? ? WATSON-CRICK ? ? ? 
hydrog4  hydrog ? ? A DG 2 N1 ? ? ? 1_555 A DC 5 N3 ? ? A DG 1002 A DC 1005 4_655 ? ? ? ? ? ? WATSON-CRICK ? ? ? 
hydrog5  hydrog ? ? A DG 2 N2 ? ? ? 1_555 A DC 5 O2 ? ? A DG 1002 A DC 1005 4_655 ? ? ? ? ? ? WATSON-CRICK ? ? ? 
hydrog6  hydrog ? ? A DG 2 O6 ? ? ? 1_555 A DC 5 N4 ? ? A DG 1002 A DC 1005 4_655 ? ? ? ? ? ? WATSON-CRICK ? ? ? 
hydrog7  hydrog ? ? A DT 3 N3 ? ? ? 1_555 A DA 4 N1 ? ? A DT 1003 A DA 1004 4_655 ? ? ? ? ? ? WATSON-CRICK ? ? ? 
hydrog8  hydrog ? ? A DT 3 O4 ? ? ? 1_555 A DA 4 N6 ? ? A DT 1003 A DA 1004 4_655 ? ? ? ? ? ? WATSON-CRICK ? ? ? 
hydrog9  hydrog ? ? A DA 4 N1 ? ? ? 1_555 A DT 3 N3 ? ? A DA 1004 A DT 1003 4_655 ? ? ? ? ? ? WATSON-CRICK ? ? ? 
hydrog10 hydrog ? ? A DA 4 N6 ? ? ? 1_555 A DT 3 O4 ? ? A DA 1004 A DT 1003 4_655 ? ? ? ? ? ? WATSON-CRICK ? ? ? 
hydrog11 hydrog ? ? A DC 5 N3 ? ? ? 1_555 A DG 2 N1 ? ? A DC 1005 A DG 1002 4_655 ? ? ? ? ? ? WATSON-CRICK ? ? ? 
hydrog12 hydrog ? ? A DC 5 N4 ? ? ? 1_555 A DG 2 O6 ? ? A DC 1005 A DG 1002 4_655 ? ? ? ? ? ? WATSON-CRICK ? ? ? 
hydrog13 hydrog ? ? A DC 5 O2 ? ? ? 1_555 A DG 2 N2 ? ? A DC 1005 A DG 1002 4_655 ? ? ? ? ? ? WATSON-CRICK ? ? ? 
hydrog14 hydrog ? ? A DG 6 N1 ? ? ? 1_555 A DC 1 N3 ? ? A DG 1006 A DC 1001 4_655 ? ? ? ? ? ? WATSON-CRICK ? ? ? 
hydrog15 hydrog ? ? A DG 6 N2 ? ? ? 1_555 A DC 1 O2 ? ? A DG 1006 A DC 1001 4_655 ? ? ? ? ? ? WATSON-CRICK ? ? ? 
hydrog16 hydrog ? ? A DG 6 O6 ? ? ? 1_555 A DC 1 N4 ? ? A DG 1006 A DC 1001 4_655 ? ? ? ? ? ? WATSON-CRICK ? ? ? 
# 
_struct_conn_type.id          hydrog 
_struct_conn_type.criteria    ? 
_struct_conn_type.reference   ? 
# 
loop_
_struct_site.id 
_struct_site.pdbx_evidence_code 
_struct_site.pdbx_auth_asym_id 
_struct_site.pdbx_auth_comp_id 
_struct_site.pdbx_auth_seq_id 
_struct_site.pdbx_auth_ins_code 
_struct_site.pdbx_num_residues 
_struct_site.details 
AC1 Software A DA7 3014 ? 10 'BINDING SITE FOR RESIDUE DA7 A 3014' 
AC2 Software A DA7 3015 ? 8  'BINDING SITE FOR RESIDUE DA7 A 3015' 
1   ?        ? ?   ?    ? ?  ?                                     
# 
loop_
_struct_site_gen.id 
_struct_site_gen.site_id 
_struct_site_gen.pdbx_num_res 
_struct_site_gen.label_comp_id 
_struct_site_gen.label_asym_id 
_struct_site_gen.label_seq_id 
_struct_site_gen.pdbx_auth_ins_code 
_struct_site_gen.auth_comp_id 
_struct_site_gen.auth_asym_id 
_struct_site_gen.auth_seq_id 
_struct_site_gen.label_atom_id 
_struct_site_gen.label_alt_id 
_struct_site_gen.symmetry 
_struct_site_gen.details 
1  AC1 10 DC  A 1 ? DC  A 1001 . ? 1_555 ? 
2  AC1 10 DG  A 2 ? DG  A 1002 . ? 1_555 ? 
3  AC1 10 DG  A 2 ? DG  A 1002 . ? 3_664 ? 
4  AC1 10 DA  A 4 ? DA  A 1004 . ? 2_655 ? 
5  AC1 10 DA  A 4 ? DA  A 1004 . ? 4_655 ? 
6  AC1 10 DC  A 5 ? DC  A 1005 . ? 4_655 ? 
7  AC1 10 DG  A 6 ? DG  A 1006 . ? 4_655 ? 
8  AC1 10 DA7 C . ? DA7 A 3015 . ? 4_655 ? 
9  AC1 10 HOH D . ? HOH A 4007 . ? 1_555 ? 
10 AC1 10 HOH D . ? HOH A 4014 . ? 1_555 ? 
11 AC2 8  DC  A 1 ? DC  A 1001 . ? 1_445 ? 
12 AC2 8  DC  A 1 ? DC  A 1001 . ? 4_655 ? 
13 AC2 8  DC  A 5 ? DC  A 1005 . ? 5_555 ? 
14 AC2 8  DG  A 6 ? DG  A 1006 . ? 1_555 ? 
15 AC2 8  DG  A 6 ? DG  A 1006 . ? 4_545 ? 
16 AC2 8  DA7 B . ? DA7 A 3014 . ? 4_655 ? 
17 AC2 8  HOH D . ? HOH A 4018 . ? 2_545 ? 
18 AC2 8  HOH D . ? HOH A 4018 . ? 5_555 ? 
# 
loop_
_pdbx_validate_rmsd_bond.id 
_pdbx_validate_rmsd_bond.PDB_model_num 
_pdbx_validate_rmsd_bond.auth_atom_id_1 
_pdbx_validate_rmsd_bond.auth_asym_id_1 
_pdbx_validate_rmsd_bond.auth_comp_id_1 
_pdbx_validate_rmsd_bond.auth_seq_id_1 
_pdbx_validate_rmsd_bond.PDB_ins_code_1 
_pdbx_validate_rmsd_bond.label_alt_id_1 
_pdbx_validate_rmsd_bond.auth_atom_id_2 
_pdbx_validate_rmsd_bond.auth_asym_id_2 
_pdbx_validate_rmsd_bond.auth_comp_id_2 
_pdbx_validate_rmsd_bond.auth_seq_id_2 
_pdbx_validate_rmsd_bond.PDB_ins_code_2 
_pdbx_validate_rmsd_bond.label_alt_id_2 
_pdbx_validate_rmsd_bond.bond_value 
_pdbx_validate_rmsd_bond.bond_target_value 
_pdbx_validate_rmsd_bond.bond_deviation 
_pdbx_validate_rmsd_bond.bond_standard_deviation 
_pdbx_validate_rmsd_bond.linker_flag 
1  1 "C5'" A DC 1001 ? ? "C4'" A DC 1001 ? ? 1.598 1.512 0.086 0.007 N 
2  1 "C3'" A DC 1001 ? ? "C2'" A DC 1001 ? ? 1.612 1.518 0.094 0.012 N 
3  1 "O4'" A DC 1001 ? ? "C1'" A DC 1001 ? ? 1.549 1.420 0.129 0.011 N 
4  1 "C5'" A DG 1002 ? ? "C4'" A DG 1002 ? ? 1.619 1.512 0.107 0.007 N 
5  1 "C3'" A DG 1002 ? ? "C2'" A DG 1002 ? ? 1.597 1.518 0.079 0.012 N 
6  1 "C2'" A DG 1002 ? ? "C1'" A DG 1002 ? ? 1.590 1.519 0.071 0.010 N 
7  1 "O4'" A DG 1002 ? ? "C1'" A DG 1002 ? ? 1.534 1.420 0.114 0.011 N 
8  1 "C5'" A DT 1003 ? ? "C4'" A DT 1003 ? ? 1.623 1.512 0.111 0.007 N 
9  1 "C2'" A DT 1003 ? ? "C1'" A DT 1003 ? ? 1.594 1.519 0.075 0.010 N 
10 1 "O4'" A DT 1003 ? ? "C1'" A DT 1003 ? ? 1.544 1.420 0.124 0.011 N 
11 1 "C5'" A DA 1004 ? ? "C4'" A DA 1004 ? ? 1.627 1.512 0.115 0.007 N 
12 1 "O4'" A DA 1004 ? ? "C1'" A DA 1004 ? ? 1.534 1.420 0.114 0.011 N 
13 1 "C5'" A DC 1005 ? ? "C4'" A DC 1005 ? ? 1.620 1.512 0.108 0.007 N 
14 1 "C3'" A DC 1005 ? ? "C2'" A DC 1005 ? ? 1.594 1.518 0.076 0.012 N 
15 1 "C2'" A DC 1005 ? ? "C1'" A DC 1005 ? ? 1.610 1.519 0.091 0.010 N 
16 1 "O4'" A DC 1005 ? ? "C1'" A DC 1005 ? ? 1.510 1.420 0.090 0.011 N 
17 1 "C5'" A DG 1006 ? ? "C4'" A DG 1006 ? ? 1.632 1.512 0.120 0.007 N 
18 1 "C3'" A DG 1006 ? ? "C2'" A DG 1006 ? ? 1.590 1.518 0.072 0.012 N 
19 1 "O4'" A DG 1006 ? ? "C1'" A DG 1006 ? ? 1.524 1.420 0.104 0.011 N 
# 
loop_
_pdbx_validate_rmsd_angle.id 
_pdbx_validate_rmsd_angle.PDB_model_num 
_pdbx_validate_rmsd_angle.auth_atom_id_1 
_pdbx_validate_rmsd_angle.auth_asym_id_1 
_pdbx_validate_rmsd_angle.auth_comp_id_1 
_pdbx_validate_rmsd_angle.auth_seq_id_1 
_pdbx_validate_rmsd_angle.PDB_ins_code_1 
_pdbx_validate_rmsd_angle.label_alt_id_1 
_pdbx_validate_rmsd_angle.auth_atom_id_2 
_pdbx_validate_rmsd_angle.auth_asym_id_2 
_pdbx_validate_rmsd_angle.auth_comp_id_2 
_pdbx_validate_rmsd_angle.auth_seq_id_2 
_pdbx_validate_rmsd_angle.PDB_ins_code_2 
_pdbx_validate_rmsd_angle.label_alt_id_2 
_pdbx_validate_rmsd_angle.auth_atom_id_3 
_pdbx_validate_rmsd_angle.auth_asym_id_3 
_pdbx_validate_rmsd_angle.auth_comp_id_3 
_pdbx_validate_rmsd_angle.auth_seq_id_3 
_pdbx_validate_rmsd_angle.PDB_ins_code_3 
_pdbx_validate_rmsd_angle.label_alt_id_3 
_pdbx_validate_rmsd_angle.angle_value 
_pdbx_validate_rmsd_angle.angle_target_value 
_pdbx_validate_rmsd_angle.angle_deviation 
_pdbx_validate_rmsd_angle.angle_standard_deviation 
_pdbx_validate_rmsd_angle.linker_flag 
1  1 "O5'" A DC 1001 ? ? "C5'" A DC 1001 ? ? "C4'" A DC 1001 ? ? 103.30 109.40 -6.10  0.80 N 
2  1 "O4'" A DC 1001 ? ? "C4'" A DC 1001 ? ? "C3'" A DC 1001 ? ? 112.40 106.00 6.40   0.60 N 
3  1 "C4'" A DC 1001 ? ? "C3'" A DC 1001 ? ? "C2'" A DC 1001 ? ? 93.39  102.20 -8.81  0.70 N 
4  1 "O4'" A DC 1001 ? ? "C1'" A DC 1001 ? ? "C2'" A DC 1001 ? ? 100.01 105.90 -5.89  0.80 N 
5  1 N1    A DC 1001 ? ? "C1'" A DC 1001 ? ? "C2'" A DC 1001 ? ? 126.60 114.30 12.30  1.40 N 
6  1 "O5'" A DG 1002 ? ? "C5'" A DG 1002 ? ? "C4'" A DG 1002 ? ? 103.96 109.40 -5.44  0.80 N 
7  1 "O4'" A DG 1002 ? ? "C4'" A DG 1002 ? ? "C3'" A DG 1002 ? ? 110.89 106.00 4.89   0.60 N 
8  1 "C4'" A DG 1002 ? ? "C3'" A DG 1002 ? ? "C2'" A DG 1002 ? ? 94.60  102.20 -7.60  0.70 N 
9  1 "O4'" A DG 1002 ? ? "C1'" A DG 1002 ? ? "C2'" A DG 1002 ? ? 99.54  105.90 -6.36  0.80 N 
10 1 "O4'" A DG 1002 ? ? "C1'" A DG 1002 ? ? N9    A DG 1002 ? ? 100.21 108.00 -7.79  0.70 N 
11 1 C6    A DG 1002 ? ? N1    A DG 1002 ? ? C2    A DG 1002 ? ? 120.72 125.10 -4.38  0.60 N 
12 1 "C3'" A DG 1002 ? ? "O3'" A DG 1002 ? ? P     A DT 1003 ? ? 111.25 119.70 -8.45  1.20 Y 
13 1 "O5'" A DT 1003 ? ? "C5'" A DT 1003 ? ? "C4'" A DT 1003 ? ? 98.12  109.40 -11.28 0.80 N 
14 1 "O4'" A DT 1003 ? ? "C4'" A DT 1003 ? ? "C3'" A DT 1003 ? ? 112.32 106.00 6.32   0.60 N 
15 1 "C4'" A DT 1003 ? ? "C3'" A DT 1003 ? ? "C2'" A DT 1003 ? ? 97.00  102.20 -5.20  0.70 N 
16 1 "O4'" A DT 1003 ? ? "C1'" A DT 1003 ? ? "C2'" A DT 1003 ? ? 98.30  105.90 -7.60  0.80 N 
17 1 C2    A DT 1003 ? ? N3    A DT 1003 ? ? C4    A DT 1003 ? ? 131.26 127.20 4.06   0.60 N 
18 1 N3    A DT 1003 ? ? C2    A DT 1003 ? ? O2    A DT 1003 ? ? 127.63 122.30 5.33   0.60 N 
19 1 "O5'" A DA 1004 ? ? "C5'" A DA 1004 ? ? "C4'" A DA 1004 ? ? 101.21 109.40 -8.19  0.80 N 
20 1 "O4'" A DA 1004 ? ? "C4'" A DA 1004 ? ? "C3'" A DA 1004 ? ? 114.41 106.00 8.41   0.60 N 
21 1 "C4'" A DA 1004 ? ? "C3'" A DA 1004 ? ? "C2'" A DA 1004 ? ? 96.76  102.20 -5.44  0.70 N 
22 1 "O4'" A DA 1004 ? ? "C1'" A DA 1004 ? ? "C2'" A DA 1004 ? ? 100.46 105.90 -5.44  0.80 N 
23 1 "O4'" A DA 1004 ? ? "C1'" A DA 1004 ? ? N9    A DA 1004 ? ? 99.96  108.00 -8.04  0.70 N 
24 1 N7    A DA 1004 ? ? C8    A DA 1004 ? ? N9    A DA 1004 ? ? 110.65 113.80 -3.15  0.50 N 
25 1 "O5'" A DC 1005 ? ? "C5'" A DC 1005 ? ? "C4'" A DC 1005 ? ? 101.98 109.40 -7.42  0.80 N 
26 1 "O4'" A DC 1005 ? ? "C4'" A DC 1005 ? ? "C3'" A DC 1005 ? ? 112.74 106.00 6.74   0.60 N 
27 1 "C4'" A DC 1005 ? ? "C3'" A DC 1005 ? ? "C2'" A DC 1005 ? ? 97.36  102.20 -4.84  0.70 N 
28 1 "O4'" A DC 1005 ? ? "C1'" A DC 1005 ? ? "C2'" A DC 1005 ? ? 97.94  105.90 -7.96  0.80 N 
29 1 "O4'" A DC 1005 ? ? "C1'" A DC 1005 ? ? N1    A DC 1005 ? ? 112.89 108.30 4.59   0.30 N 
30 1 C6    A DC 1005 ? ? N1    A DC 1005 ? ? C2    A DC 1005 ? ? 125.71 120.30 5.41   0.40 N 
31 1 N3    A DC 1005 ? ? C4    A DC 1005 ? ? C5    A DC 1005 ? ? 126.21 121.90 4.31   0.40 N 
32 1 C5    A DC 1005 ? ? C6    A DC 1005 ? ? N1    A DC 1005 ? ? 116.64 121.00 -4.36  0.50 N 
33 1 C5    A DC 1005 ? ? C4    A DC 1005 ? ? N4    A DC 1005 ? ? 115.04 120.20 -5.16  0.70 N 
34 1 "O5'" A DG 1006 ? ? "C5'" A DG 1006 ? ? "C4'" A DG 1006 ? ? 104.37 109.40 -5.03  0.80 N 
35 1 P     A DG 1006 ? ? "O5'" A DG 1006 ? ? "C5'" A DG 1006 ? ? 108.64 120.90 -12.26 1.60 N 
36 1 "O4'" A DG 1006 ? ? "C4'" A DG 1006 ? ? "C3'" A DG 1006 ? ? 111.85 106.00 5.85   0.60 N 
37 1 "C4'" A DG 1006 ? ? "C3'" A DG 1006 ? ? "C2'" A DG 1006 ? ? 96.49  102.20 -5.71  0.70 N 
# 
_struct_site_keywords.site_id   1 
_struct_site_keywords.text      INTERCALATION 
# 
loop_
_chem_comp_atom.comp_id 
_chem_comp_atom.atom_id 
_chem_comp_atom.type_symbol 
_chem_comp_atom.pdbx_aromatic_flag 
_chem_comp_atom.pdbx_stereo_config 
_chem_comp_atom.pdbx_ordinal 
DA  OP3    O N N 1   
DA  P      P N N 2   
DA  OP1    O N N 3   
DA  OP2    O N N 4   
DA  "O5'"  O N N 5   
DA  "C5'"  C N N 6   
DA  "C4'"  C N R 7   
DA  "O4'"  O N N 8   
DA  "C3'"  C N S 9   
DA  "O3'"  O N N 10  
DA  "C2'"  C N N 11  
DA  "C1'"  C N R 12  
DA  N9     N Y N 13  
DA  C8     C Y N 14  
DA  N7     N Y N 15  
DA  C5     C Y N 16  
DA  C6     C Y N 17  
DA  N6     N N N 18  
DA  N1     N Y N 19  
DA  C2     C Y N 20  
DA  N3     N Y N 21  
DA  C4     C Y N 22  
DA  HOP3   H N N 23  
DA  HOP2   H N N 24  
DA  "H5'"  H N N 25  
DA  "H5''" H N N 26  
DA  "H4'"  H N N 27  
DA  "H3'"  H N N 28  
DA  "HO3'" H N N 29  
DA  "H2'"  H N N 30  
DA  "H2''" H N N 31  
DA  "H1'"  H N N 32  
DA  H8     H N N 33  
DA  H61    H N N 34  
DA  H62    H N N 35  
DA  H2     H N N 36  
DA7 C8     C Y N 37  
DA7 C7     C Y N 38  
DA7 C6     C Y N 39  
DA7 C5     C Y N 40  
DA7 F      F N N 41  
DA7 N10    N Y N 42  
DA7 C4     C Y N 43  
DA7 C3     C Y N 44  
DA7 C2     C Y N 45  
DA7 C1     C Y N 46  
DA7 C13    C Y N 47  
DA7 C14    C Y N 48  
DA7 C12    C Y N 49  
DA7 C11    C Y N 50  
DA7 C9     C Y N 51  
DA7 N9     N N N 52  
DA7 C15    C N N 53  
DA7 O15    O N N 54  
DA7 N16    N N N 55  
DA7 C17    C N N 56  
DA7 C18    C N N 57  
DA7 N19    N N N 58  
DA7 C20    C N N 59  
DA7 C21    C N N 60  
DA7 H8     H N N 61  
DA7 H7     H N N 62  
DA7 H6     H N N 63  
DA7 H3     H N N 64  
DA7 H2     H N N 65  
DA7 H1     H N N 66  
DA7 HN91   H N N 67  
DA7 HN92   H N N 68  
DA7 H16    H N N 69  
DA7 H171   H N N 70  
DA7 H172   H N N 71  
DA7 H181   H N N 72  
DA7 H182   H N N 73  
DA7 H201   H N N 74  
DA7 H202   H N N 75  
DA7 H203   H N N 76  
DA7 H211   H N N 77  
DA7 H212   H N N 78  
DA7 H213   H N N 79  
DC  OP3    O N N 80  
DC  P      P N N 81  
DC  OP1    O N N 82  
DC  OP2    O N N 83  
DC  "O5'"  O N N 84  
DC  "C5'"  C N N 85  
DC  "C4'"  C N R 86  
DC  "O4'"  O N N 87  
DC  "C3'"  C N S 88  
DC  "O3'"  O N N 89  
DC  "C2'"  C N N 90  
DC  "C1'"  C N R 91  
DC  N1     N N N 92  
DC  C2     C N N 93  
DC  O2     O N N 94  
DC  N3     N N N 95  
DC  C4     C N N 96  
DC  N4     N N N 97  
DC  C5     C N N 98  
DC  C6     C N N 99  
DC  HOP3   H N N 100 
DC  HOP2   H N N 101 
DC  "H5'"  H N N 102 
DC  "H5''" H N N 103 
DC  "H4'"  H N N 104 
DC  "H3'"  H N N 105 
DC  "HO3'" H N N 106 
DC  "H2'"  H N N 107 
DC  "H2''" H N N 108 
DC  "H1'"  H N N 109 
DC  H41    H N N 110 
DC  H42    H N N 111 
DC  H5     H N N 112 
DC  H6     H N N 113 
DG  OP3    O N N 114 
DG  P      P N N 115 
DG  OP1    O N N 116 
DG  OP2    O N N 117 
DG  "O5'"  O N N 118 
DG  "C5'"  C N N 119 
DG  "C4'"  C N R 120 
DG  "O4'"  O N N 121 
DG  "C3'"  C N S 122 
DG  "O3'"  O N N 123 
DG  "C2'"  C N N 124 
DG  "C1'"  C N R 125 
DG  N9     N Y N 126 
DG  C8     C Y N 127 
DG  N7     N Y N 128 
DG  C5     C Y N 129 
DG  C6     C N N 130 
DG  O6     O N N 131 
DG  N1     N N N 132 
DG  C2     C N N 133 
DG  N2     N N N 134 
DG  N3     N N N 135 
DG  C4     C Y N 136 
DG  HOP3   H N N 137 
DG  HOP2   H N N 138 
DG  "H5'"  H N N 139 
DG  "H5''" H N N 140 
DG  "H4'"  H N N 141 
DG  "H3'"  H N N 142 
DG  "HO3'" H N N 143 
DG  "H2'"  H N N 144 
DG  "H2''" H N N 145 
DG  "H1'"  H N N 146 
DG  H8     H N N 147 
DG  H1     H N N 148 
DG  H21    H N N 149 
DG  H22    H N N 150 
DT  OP3    O N N 151 
DT  P      P N N 152 
DT  OP1    O N N 153 
DT  OP2    O N N 154 
DT  "O5'"  O N N 155 
DT  "C5'"  C N N 156 
DT  "C4'"  C N R 157 
DT  "O4'"  O N N 158 
DT  "C3'"  C N S 159 
DT  "O3'"  O N N 160 
DT  "C2'"  C N N 161 
DT  "C1'"  C N R 162 
DT  N1     N N N 163 
DT  C2     C N N 164 
DT  O2     O N N 165 
DT  N3     N N N 166 
DT  C4     C N N 167 
DT  O4     O N N 168 
DT  C5     C N N 169 
DT  C7     C N N 170 
DT  C6     C N N 171 
DT  HOP3   H N N 172 
DT  HOP2   H N N 173 
DT  "H5'"  H N N 174 
DT  "H5''" H N N 175 
DT  "H4'"  H N N 176 
DT  "H3'"  H N N 177 
DT  "HO3'" H N N 178 
DT  "H2'"  H N N 179 
DT  "H2''" H N N 180 
DT  "H1'"  H N N 181 
DT  H3     H N N 182 
DT  H71    H N N 183 
DT  H72    H N N 184 
DT  H73    H N N 185 
DT  H6     H N N 186 
HOH O      O N N 187 
HOH H1     H N N 188 
HOH H2     H N N 189 
# 
loop_
_chem_comp_bond.comp_id 
_chem_comp_bond.atom_id_1 
_chem_comp_bond.atom_id_2 
_chem_comp_bond.value_order 
_chem_comp_bond.pdbx_aromatic_flag 
_chem_comp_bond.pdbx_stereo_config 
_chem_comp_bond.pdbx_ordinal 
DA  OP3   P      sing N N 1   
DA  OP3   HOP3   sing N N 2   
DA  P     OP1    doub N N 3   
DA  P     OP2    sing N N 4   
DA  P     "O5'"  sing N N 5   
DA  OP2   HOP2   sing N N 6   
DA  "O5'" "C5'"  sing N N 7   
DA  "C5'" "C4'"  sing N N 8   
DA  "C5'" "H5'"  sing N N 9   
DA  "C5'" "H5''" sing N N 10  
DA  "C4'" "O4'"  sing N N 11  
DA  "C4'" "C3'"  sing N N 12  
DA  "C4'" "H4'"  sing N N 13  
DA  "O4'" "C1'"  sing N N 14  
DA  "C3'" "O3'"  sing N N 15  
DA  "C3'" "C2'"  sing N N 16  
DA  "C3'" "H3'"  sing N N 17  
DA  "O3'" "HO3'" sing N N 18  
DA  "C2'" "C1'"  sing N N 19  
DA  "C2'" "H2'"  sing N N 20  
DA  "C2'" "H2''" sing N N 21  
DA  "C1'" N9     sing N N 22  
DA  "C1'" "H1'"  sing N N 23  
DA  N9    C8     sing Y N 24  
DA  N9    C4     sing Y N 25  
DA  C8    N7     doub Y N 26  
DA  C8    H8     sing N N 27  
DA  N7    C5     sing Y N 28  
DA  C5    C6     sing Y N 29  
DA  C5    C4     doub Y N 30  
DA  C6    N6     sing N N 31  
DA  C6    N1     doub Y N 32  
DA  N6    H61    sing N N 33  
DA  N6    H62    sing N N 34  
DA  N1    C2     sing Y N 35  
DA  C2    N3     doub Y N 36  
DA  C2    H2     sing N N 37  
DA  N3    C4     sing Y N 38  
DA7 C8    C7     doub Y N 39  
DA7 C8    C13    sing Y N 40  
DA7 C8    H8     sing N N 41  
DA7 C7    C6     sing Y N 42  
DA7 C7    H7     sing N N 43  
DA7 C6    C5     doub Y N 44  
DA7 C6    H6     sing N N 45  
DA7 C5    F      sing N N 46  
DA7 C5    C14    sing Y N 47  
DA7 N10   C14    doub Y N 48  
DA7 N10   C12    sing Y N 49  
DA7 C4    C3     doub Y N 50  
DA7 C4    C12    sing Y N 51  
DA7 C4    C15    sing N N 52  
DA7 C3    C2     sing Y N 53  
DA7 C3    H3     sing N N 54  
DA7 C2    C1     doub Y N 55  
DA7 C2    H2     sing N N 56  
DA7 C1    C11    sing Y N 57  
DA7 C1    H1     sing N N 58  
DA7 C13   C14    sing Y N 59  
DA7 C13   C9     doub Y N 60  
DA7 C12   C11    doub Y N 61  
DA7 C11   C9     sing Y N 62  
DA7 C9    N9     sing N N 63  
DA7 N9    HN91   sing N N 64  
DA7 N9    HN92   sing N N 65  
DA7 C15   O15    doub N N 66  
DA7 C15   N16    sing N N 67  
DA7 N16   C17    sing N N 68  
DA7 N16   H16    sing N N 69  
DA7 C17   C18    sing N N 70  
DA7 C17   H171   sing N N 71  
DA7 C17   H172   sing N N 72  
DA7 C18   N19    sing N N 73  
DA7 C18   H181   sing N N 74  
DA7 C18   H182   sing N N 75  
DA7 N19   C20    sing N N 76  
DA7 N19   C21    sing N N 77  
DA7 C20   H201   sing N N 78  
DA7 C20   H202   sing N N 79  
DA7 C20   H203   sing N N 80  
DA7 C21   H211   sing N N 81  
DA7 C21   H212   sing N N 82  
DA7 C21   H213   sing N N 83  
DC  OP3   P      sing N N 84  
DC  OP3   HOP3   sing N N 85  
DC  P     OP1    doub N N 86  
DC  P     OP2    sing N N 87  
DC  P     "O5'"  sing N N 88  
DC  OP2   HOP2   sing N N 89  
DC  "O5'" "C5'"  sing N N 90  
DC  "C5'" "C4'"  sing N N 91  
DC  "C5'" "H5'"  sing N N 92  
DC  "C5'" "H5''" sing N N 93  
DC  "C4'" "O4'"  sing N N 94  
DC  "C4'" "C3'"  sing N N 95  
DC  "C4'" "H4'"  sing N N 96  
DC  "O4'" "C1'"  sing N N 97  
DC  "C3'" "O3'"  sing N N 98  
DC  "C3'" "C2'"  sing N N 99  
DC  "C3'" "H3'"  sing N N 100 
DC  "O3'" "HO3'" sing N N 101 
DC  "C2'" "C1'"  sing N N 102 
DC  "C2'" "H2'"  sing N N 103 
DC  "C2'" "H2''" sing N N 104 
DC  "C1'" N1     sing N N 105 
DC  "C1'" "H1'"  sing N N 106 
DC  N1    C2     sing N N 107 
DC  N1    C6     sing N N 108 
DC  C2    O2     doub N N 109 
DC  C2    N3     sing N N 110 
DC  N3    C4     doub N N 111 
DC  C4    N4     sing N N 112 
DC  C4    C5     sing N N 113 
DC  N4    H41    sing N N 114 
DC  N4    H42    sing N N 115 
DC  C5    C6     doub N N 116 
DC  C5    H5     sing N N 117 
DC  C6    H6     sing N N 118 
DG  OP3   P      sing N N 119 
DG  OP3   HOP3   sing N N 120 
DG  P     OP1    doub N N 121 
DG  P     OP2    sing N N 122 
DG  P     "O5'"  sing N N 123 
DG  OP2   HOP2   sing N N 124 
DG  "O5'" "C5'"  sing N N 125 
DG  "C5'" "C4'"  sing N N 126 
DG  "C5'" "H5'"  sing N N 127 
DG  "C5'" "H5''" sing N N 128 
DG  "C4'" "O4'"  sing N N 129 
DG  "C4'" "C3'"  sing N N 130 
DG  "C4'" "H4'"  sing N N 131 
DG  "O4'" "C1'"  sing N N 132 
DG  "C3'" "O3'"  sing N N 133 
DG  "C3'" "C2'"  sing N N 134 
DG  "C3'" "H3'"  sing N N 135 
DG  "O3'" "HO3'" sing N N 136 
DG  "C2'" "C1'"  sing N N 137 
DG  "C2'" "H2'"  sing N N 138 
DG  "C2'" "H2''" sing N N 139 
DG  "C1'" N9     sing N N 140 
DG  "C1'" "H1'"  sing N N 141 
DG  N9    C8     sing Y N 142 
DG  N9    C4     sing Y N 143 
DG  C8    N7     doub Y N 144 
DG  C8    H8     sing N N 145 
DG  N7    C5     sing Y N 146 
DG  C5    C6     sing N N 147 
DG  C5    C4     doub Y N 148 
DG  C6    O6     doub N N 149 
DG  C6    N1     sing N N 150 
DG  N1    C2     sing N N 151 
DG  N1    H1     sing N N 152 
DG  C2    N2     sing N N 153 
DG  C2    N3     doub N N 154 
DG  N2    H21    sing N N 155 
DG  N2    H22    sing N N 156 
DG  N3    C4     sing N N 157 
DT  OP3   P      sing N N 158 
DT  OP3   HOP3   sing N N 159 
DT  P     OP1    doub N N 160 
DT  P     OP2    sing N N 161 
DT  P     "O5'"  sing N N 162 
DT  OP2   HOP2   sing N N 163 
DT  "O5'" "C5'"  sing N N 164 
DT  "C5'" "C4'"  sing N N 165 
DT  "C5'" "H5'"  sing N N 166 
DT  "C5'" "H5''" sing N N 167 
DT  "C4'" "O4'"  sing N N 168 
DT  "C4'" "C3'"  sing N N 169 
DT  "C4'" "H4'"  sing N N 170 
DT  "O4'" "C1'"  sing N N 171 
DT  "C3'" "O3'"  sing N N 172 
DT  "C3'" "C2'"  sing N N 173 
DT  "C3'" "H3'"  sing N N 174 
DT  "O3'" "HO3'" sing N N 175 
DT  "C2'" "C1'"  sing N N 176 
DT  "C2'" "H2'"  sing N N 177 
DT  "C2'" "H2''" sing N N 178 
DT  "C1'" N1     sing N N 179 
DT  "C1'" "H1'"  sing N N 180 
DT  N1    C2     sing N N 181 
DT  N1    C6     sing N N 182 
DT  C2    O2     doub N N 183 
DT  C2    N3     sing N N 184 
DT  N3    C4     sing N N 185 
DT  N3    H3     sing N N 186 
DT  C4    O4     doub N N 187 
DT  C4    C5     sing N N 188 
DT  C5    C7     sing N N 189 
DT  C5    C6     doub N N 190 
DT  C7    H71    sing N N 191 
DT  C7    H72    sing N N 192 
DT  C7    H73    sing N N 193 
DT  C6    H6     sing N N 194 
HOH O     H1     sing N N 195 
HOH O     H2     sing N N 196 
# 
_ndb_struct_conf_na.entry_id   1DL8 
_ndb_struct_conf_na.feature    'b-form double helix' 
# 
loop_
_ndb_struct_na_base_pair.model_number 
_ndb_struct_na_base_pair.i_label_asym_id 
_ndb_struct_na_base_pair.i_label_comp_id 
_ndb_struct_na_base_pair.i_label_seq_id 
_ndb_struct_na_base_pair.i_symmetry 
_ndb_struct_na_base_pair.j_label_asym_id 
_ndb_struct_na_base_pair.j_label_comp_id 
_ndb_struct_na_base_pair.j_label_seq_id 
_ndb_struct_na_base_pair.j_symmetry 
_ndb_struct_na_base_pair.shear 
_ndb_struct_na_base_pair.stretch 
_ndb_struct_na_base_pair.stagger 
_ndb_struct_na_base_pair.buckle 
_ndb_struct_na_base_pair.propeller 
_ndb_struct_na_base_pair.opening 
_ndb_struct_na_base_pair.pair_number 
_ndb_struct_na_base_pair.pair_name 
_ndb_struct_na_base_pair.i_auth_asym_id 
_ndb_struct_na_base_pair.i_auth_seq_id 
_ndb_struct_na_base_pair.i_PDB_ins_code 
_ndb_struct_na_base_pair.j_auth_asym_id 
_ndb_struct_na_base_pair.j_auth_seq_id 
_ndb_struct_na_base_pair.j_PDB_ins_code 
_ndb_struct_na_base_pair.hbond_type_28 
_ndb_struct_na_base_pair.hbond_type_12 
1 A DC 1 1_555 A DG 6 4_655 0.190  -0.197 0.074 1.581  -9.249 -3.193 1 A_DC1001:DG1006_A A 1001 ? A 1006 ? 19 1 
1 A DG 2 1_555 A DC 5 4_655 -0.087 -0.136 0.031 -6.807 -5.881 -1.274 2 A_DG1002:DC1005_A A 1002 ? A 1005 ? 19 1 
1 A DT 3 1_555 A DA 4 4_655 0.040  -0.209 0.107 1.247  -9.650 -3.376 3 A_DT1003:DA1004_A A 1003 ? A 1004 ? 20 1 
1 A DA 4 1_555 A DT 3 4_655 -0.040 -0.209 0.107 -1.247 -9.650 -3.376 4 A_DA1004:DT1003_A A 1004 ? A 1003 ? 20 1 
1 A DC 5 1_555 A DG 2 4_655 0.087  -0.136 0.031 6.807  -5.881 -1.274 5 A_DC1005:DG1002_A A 1005 ? A 1002 ? 19 1 
1 A DG 6 1_555 A DC 1 4_655 -0.190 -0.197 0.074 -1.581 -9.249 -3.193 6 A_DG1006:DC1001_A A 1006 ? A 1001 ? 19 1 
# 
loop_
_ndb_struct_na_base_pair_step.model_number 
_ndb_struct_na_base_pair_step.i_label_asym_id_1 
_ndb_struct_na_base_pair_step.i_label_comp_id_1 
_ndb_struct_na_base_pair_step.i_label_seq_id_1 
_ndb_struct_na_base_pair_step.i_symmetry_1 
_ndb_struct_na_base_pair_step.j_label_asym_id_1 
_ndb_struct_na_base_pair_step.j_label_comp_id_1 
_ndb_struct_na_base_pair_step.j_label_seq_id_1 
_ndb_struct_na_base_pair_step.j_symmetry_1 
_ndb_struct_na_base_pair_step.i_label_asym_id_2 
_ndb_struct_na_base_pair_step.i_label_comp_id_2 
_ndb_struct_na_base_pair_step.i_label_seq_id_2 
_ndb_struct_na_base_pair_step.i_symmetry_2 
_ndb_struct_na_base_pair_step.j_label_asym_id_2 
_ndb_struct_na_base_pair_step.j_label_comp_id_2 
_ndb_struct_na_base_pair_step.j_label_seq_id_2 
_ndb_struct_na_base_pair_step.j_symmetry_2 
_ndb_struct_na_base_pair_step.shift 
_ndb_struct_na_base_pair_step.slide 
_ndb_struct_na_base_pair_step.rise 
_ndb_struct_na_base_pair_step.tilt 
_ndb_struct_na_base_pair_step.roll 
_ndb_struct_na_base_pair_step.twist 
_ndb_struct_na_base_pair_step.x_displacement 
_ndb_struct_na_base_pair_step.y_displacement 
_ndb_struct_na_base_pair_step.helical_rise 
_ndb_struct_na_base_pair_step.inclination 
_ndb_struct_na_base_pair_step.tip 
_ndb_struct_na_base_pair_step.helical_twist 
_ndb_struct_na_base_pair_step.step_number 
_ndb_struct_na_base_pair_step.step_name 
_ndb_struct_na_base_pair_step.i_auth_asym_id_1 
_ndb_struct_na_base_pair_step.i_auth_seq_id_1 
_ndb_struct_na_base_pair_step.i_PDB_ins_code_1 
_ndb_struct_na_base_pair_step.j_auth_asym_id_1 
_ndb_struct_na_base_pair_step.j_auth_seq_id_1 
_ndb_struct_na_base_pair_step.j_PDB_ins_code_1 
_ndb_struct_na_base_pair_step.i_auth_asym_id_2 
_ndb_struct_na_base_pair_step.i_auth_seq_id_2 
_ndb_struct_na_base_pair_step.i_PDB_ins_code_2 
_ndb_struct_na_base_pair_step.j_auth_asym_id_2 
_ndb_struct_na_base_pair_step.j_auth_seq_id_2 
_ndb_struct_na_base_pair_step.j_PDB_ins_code_2 
1 A DC 1 1_555 A DG 6 4_655 A DG 2 1_555 A DC 5 4_655 0.351  0.451 6.846 0.772  4.141  24.429 -1.589 -0.325 6.834 9.693  -1.806 
24.784 1 AA_DC1001DG1002:DC1005DG1006_AA A 1001 ? A 1006 ? A 1002 ? A 1005 ? 
1 A DG 2 1_555 A DC 5 4_655 A DT 3 1_555 A DA 4 4_655 -0.459 0.056 3.197 -0.643 2.366  26.488 -0.486 0.833  3.200 5.150  1.399  
26.599 2 AA_DG1002DT1003:DA1004DC1005_AA A 1002 ? A 1005 ? A 1003 ? A 1004 ? 
1 A DT 3 1_555 A DA 4 4_655 A DA 4 1_555 A DT 3 4_655 0.000  1.596 3.233 0.000  -3.672 48.612 2.207  0.000  3.112 -4.453 0.000  
48.743 3 AA_DT1003DA1004:DT1003DA1004_AA A 1003 ? A 1004 ? A 1004 ? A 1003 ? 
1 A DA 4 1_555 A DT 3 4_655 A DC 5 1_555 A DG 2 4_655 0.459  0.056 3.197 0.643  2.366  26.488 -0.486 -0.833 3.200 5.150  -1.399 
26.599 4 AA_DA1004DC1005:DG1002DT1003_AA A 1004 ? A 1003 ? A 1005 ? A 1002 ? 
1 A DC 5 1_555 A DG 2 4_655 A DG 6 1_555 A DC 1 4_655 -0.351 0.451 6.846 -0.772 4.141  24.429 -1.590 0.325  6.834 9.693  1.806  
24.784 5 AA_DC1005DG1006:DC1001DG1002_AA A 1005 ? A 1002 ? A 1006 ? A 1001 ? 
# 
_pdbx_initial_refinement_model.accession_code   465D 
_pdbx_initial_refinement_model.id               1 
_pdbx_initial_refinement_model.entity_id_list   ? 
_pdbx_initial_refinement_model.type             'experimental model' 
_pdbx_initial_refinement_model.source_name      PDB 
_pdbx_initial_refinement_model.details          'NDB ID DD0015' 
# 
_atom_sites.entry_id                    1DL8 
_atom_sites.fract_transf_matrix[1][1]   -0.01052718 
_atom_sites.fract_transf_matrix[1][2]   0.02195423 
_atom_sites.fract_transf_matrix[1][3]   -0.02957909 
_atom_sites.fract_transf_matrix[2][1]   0.00145342 
_atom_sites.fract_transf_matrix[2][2]   -0.01392275 
_atom_sites.fract_transf_matrix[2][3]   -0.03566199 
_atom_sites.fract_transf_matrix[3][1]   -0.02385686 
_atom_sites.fract_transf_matrix[3][2]   -0.00835484 
_atom_sites.fract_transf_matrix[3][3]   0.00228951 
_atom_sites.fract_transf_vector[1]      0.427401 
_atom_sites.fract_transf_vector[2]      0.017502 
_atom_sites.fract_transf_vector[3]      0.475249 
# 
loop_
_atom_type.symbol 
C 
F 
N 
O 
P 
# 
loop_
_atom_site.group_PDB 
_atom_site.id 
_atom_site.type_symbol 
_atom_site.label_atom_id 
_atom_site.label_alt_id 
_atom_site.label_comp_id 
_atom_site.label_asym_id 
_atom_site.label_entity_id 
_atom_site.label_seq_id 
_atom_site.pdbx_PDB_ins_code 
_atom_site.Cartn_x 
_atom_site.Cartn_y 
_atom_site.Cartn_z 
_atom_site.occupancy 
_atom_site.B_iso_or_equiv 
_atom_site.pdbx_formal_charge 
_atom_site.auth_seq_id 
_atom_site.auth_comp_id 
_atom_site.auth_asym_id 
_atom_site.auth_atom_id 
_atom_site.pdbx_PDB_model_num 
ATOM   1   O "O5'" . DC  A 1 1 ? -10.096 0.145  -11.477 1.00 14.45 ? 1001 DC  A "O5'" 1 
ATOM   2   C "C5'" . DC  A 1 1 ? -9.943  -1.086 -12.179 1.00 15.30 ? 1001 DC  A "C5'" 1 
ATOM   3   C "C4'" . DC  A 1 1 ? -8.373  -1.367 -12.089 1.00 16.26 ? 1001 DC  A "C4'" 1 
ATOM   4   O "O4'" . DC  A 1 1 ? -7.545  -0.467 -12.837 1.00 16.97 ? 1001 DC  A "O4'" 1 
ATOM   5   C "C3'" . DC  A 1 1 ? -7.872  -1.551 -10.609 1.00 14.61 ? 1001 DC  A "C3'" 1 
ATOM   6   O "O3'" . DC  A 1 1 ? -8.112  -2.948 -10.403 1.00 14.54 ? 1001 DC  A "O3'" 1 
ATOM   7   C "C2'" . DC  A 1 1 ? -6.318  -1.429 -11.017 1.00 16.23 ? 1001 DC  A "C2'" 1 
ATOM   8   C "C1'" . DC  A 1 1 ? -6.233  -0.235 -12.046 1.00 18.28 ? 1001 DC  A "C1'" 1 
ATOM   9   N N1    . DC  A 1 1 ? -6.194  1.152  -11.734 1.00 13.17 ? 1001 DC  A N1    1 
ATOM   10  C C2    . DC  A 1 1 ? -4.947  1.721  -11.915 1.00 10.24 ? 1001 DC  A C2    1 
ATOM   11  O O2    . DC  A 1 1 ? -3.987  1.036  -12.304 1.00 15.82 ? 1001 DC  A O2    1 
ATOM   12  N N3    . DC  A 1 1 ? -4.801  3.049  -11.646 1.00 11.43 ? 1001 DC  A N3    1 
ATOM   13  C C4    . DC  A 1 1 ? -5.838  3.774  -11.227 1.00 13.52 ? 1001 DC  A C4    1 
ATOM   14  N N4    . DC  A 1 1 ? -5.640  5.077  -10.978 1.00 16.00 ? 1001 DC  A N4    1 
ATOM   15  C C5    . DC  A 1 1 ? -7.157  3.196  -11.037 1.00 16.80 ? 1001 DC  A C5    1 
ATOM   16  C C6    . DC  A 1 1 ? -7.260  1.882  -11.310 1.00 12.11 ? 1001 DC  A C6    1 
ATOM   17  P P     . DG  A 1 2 ? -8.112  -3.454 -8.854  1.00 19.85 ? 1002 DG  A P     1 
ATOM   18  O OP1   . DG  A 1 2 ? -8.545  -4.869 -8.770  1.00 19.23 ? 1002 DG  A OP1   1 
ATOM   19  O OP2   . DG  A 1 2 ? -8.838  -2.454 -8.052  1.00 18.77 ? 1002 DG  A OP2   1 
ATOM   20  O "O5'" . DG  A 1 2 ? -6.541  -3.403 -8.546  1.00 17.27 ? 1002 DG  A "O5'" 1 
ATOM   21  C "C5'" . DG  A 1 2 ? -6.194  -3.909 -7.282  1.00 20.87 ? 1002 DG  A "C5'" 1 
ATOM   22  C "C4'" . DG  A 1 2 ? -4.575  -3.886 -7.284  1.00 24.05 ? 1002 DG  A "C4'" 1 
ATOM   23  O "O4'" . DG  A 1 2 ? -3.991  -2.549 -7.262  1.00 19.34 ? 1002 DG  A "O4'" 1 
ATOM   24  C "C3'" . DG  A 1 2 ? -4.056  -4.749 -6.063  1.00 19.24 ? 1002 DG  A "C3'" 1 
ATOM   25  O "O3'" . DG  A 1 2 ? -2.752  -5.076 -6.487  1.00 18.13 ? 1002 DG  A "O3'" 1 
ATOM   26  C "C2'" . DG  A 1 2 ? -3.912  -3.500 -5.076  1.00 22.81 ? 1002 DG  A "C2'" 1 
ATOM   27  C "C1'" . DG  A 1 2 ? -3.311  -2.289 -5.912  1.00 22.24 ? 1002 DG  A "C1'" 1 
ATOM   28  N N9    . DG  A 1 2 ? -3.894  -0.915 -5.575  1.00 16.97 ? 1002 DG  A N9    1 
ATOM   29  C C8    . DG  A 1 2 ? -5.211  -0.571 -5.313  1.00 15.93 ? 1002 DG  A C8    1 
ATOM   30  N N7    . DG  A 1 2 ? -5.360  0.727  -5.056  1.00 20.84 ? 1002 DG  A N7    1 
ATOM   31  C C5    . DG  A 1 2 ? -4.061  1.234  -5.162  1.00 15.35 ? 1002 DG  A C5    1 
ATOM   32  C C6    . DG  A 1 2 ? -3.603  2.555  -4.994  1.00 15.42 ? 1002 DG  A C6    1 
ATOM   33  O O6    . DG  A 1 2 ? -4.241  3.569  -4.714  1.00 16.20 ? 1002 DG  A O6    1 
ATOM   34  N N1    . DG  A 1 2 ? -2.208  2.713  -5.178  1.00 12.13 ? 1002 DG  A N1    1 
ATOM   35  C C2    . DG  A 1 2 ? -1.419  1.642  -5.491  1.00 17.01 ? 1002 DG  A C2    1 
ATOM   36  N N2    . DG  A 1 2 ? -0.092  1.900  -5.647  1.00 11.10 ? 1002 DG  A N2    1 
ATOM   37  N N3    . DG  A 1 2 ? -1.836  0.404  -5.651  1.00 19.33 ? 1002 DG  A N3    1 
ATOM   38  C C4    . DG  A 1 2 ? -3.177  0.246  -5.475  1.00 16.25 ? 1002 DG  A C4    1 
ATOM   39  P P     . DT  A 1 3 ? -2.030  -6.106 -5.443  1.00 23.22 ? 1003 DT  A P     1 
ATOM   40  O OP1   . DT  A 1 3 ? -1.325  -7.106 -6.247  1.00 25.54 ? 1003 DT  A OP1   1 
ATOM   41  O OP2   . DT  A 1 3 ? -2.987  -6.457 -4.387  1.00 27.63 ? 1003 DT  A OP2   1 
ATOM   42  O "O5'" . DT  A 1 3 ? -0.981  -5.075 -4.790  1.00 18.43 ? 1003 DT  A "O5'" 1 
ATOM   43  C "C5'" . DT  A 1 3 ? 0.038   -4.584 -5.620  1.00 13.00 ? 1003 DT  A "C5'" 1 
ATOM   44  C "C4'" . DT  A 1 3 ? 0.831   -3.701 -4.513  1.00 22.52 ? 1003 DT  A "C4'" 1 
ATOM   45  O "O4'" . DT  A 1 3 ? 0.141   -2.459 -4.213  1.00 30.00 ? 1003 DT  A "O4'" 1 
ATOM   46  C "C3'" . DT  A 1 3 ? 1.061   -4.582 -3.228  1.00 28.57 ? 1003 DT  A "C3'" 1 
ATOM   47  O "O3'" . DT  A 1 3 ? 2.317   -4.066 -2.810  1.00 37.57 ? 1003 DT  A "O3'" 1 
ATOM   48  C "C2'" . DT  A 1 3 ? -0.013  -3.863 -2.305  1.00 22.44 ? 1003 DT  A "C2'" 1 
ATOM   49  C "C1'" . DT  A 1 3 ? 0.021   -2.315 -2.681  1.00 23.11 ? 1003 DT  A "C1'" 1 
ATOM   50  N N1    . DT  A 1 3 ? -1.083  -1.465 -2.396  1.00 26.24 ? 1003 DT  A N1    1 
ATOM   51  C C2    . DT  A 1 3 ? -0.720  -0.113 -2.334  1.00 22.78 ? 1003 DT  A C2    1 
ATOM   52  O O2    . DT  A 1 3 ? 0.449   0.230  -2.513  1.00 19.74 ? 1003 DT  A O2    1 
ATOM   53  N N3    . DT  A 1 3 ? -1.785  0.683  -2.065  1.00 17.57 ? 1003 DT  A N3    1 
ATOM   54  C C4    . DT  A 1 3 ? -3.101  0.386  -1.852  1.00 17.10 ? 1003 DT  A C4    1 
ATOM   55  O O4    . DT  A 1 3 ? -3.904  1.273  -1.620  1.00 26.93 ? 1003 DT  A O4    1 
ATOM   56  C C5    . DT  A 1 3 ? -3.395  -1.033 -1.932  1.00 21.77 ? 1003 DT  A C5    1 
ATOM   57  C C7    . DT  A 1 3 ? -4.813  -1.545 -1.727  1.00 26.25 ? 1003 DT  A C7    1 
ATOM   58  C C6    . DT  A 1 3 ? -2.372  -1.862 -2.200  1.00 23.65 ? 1003 DT  A C6    1 
ATOM   59  P P     . DA  A 1 4 ? 3.538   -5.074 -2.395  1.00 35.06 ? 1004 DA  A P     1 
ATOM   60  O OP1   . DA  A 1 4 ? 3.994   -5.771 -3.586  1.00 49.72 ? 1004 DA  A OP1   1 
ATOM   61  O OP2   . DA  A 1 4 ? 3.123   -5.687 -1.115  1.00 28.04 ? 1004 DA  A OP2   1 
ATOM   62  O "O5'" . DA  A 1 4 ? 4.647   -3.975 -2.008  1.00 26.40 ? 1004 DA  A "O5'" 1 
ATOM   63  C "C5'" . DA  A 1 4 ? 5.207   -3.111 -2.955  1.00 29.84 ? 1004 DA  A "C5'" 1 
ATOM   64  C "C4'" . DA  A 1 4 ? 5.564   -1.820 -2.033  1.00 14.86 ? 1004 DA  A "C4'" 1 
ATOM   65  O "O4'" . DA  A 1 4 ? 4.385   -1.085 -1.628  1.00 15.74 ? 1004 DA  A "O4'" 1 
ATOM   66  C "C3'" . DA  A 1 4 ? 6.484   -2.255 -0.860  1.00 16.10 ? 1004 DA  A "C3'" 1 
ATOM   67  O "O3'" . DA  A 1 4 ? 7.384   -1.168 -0.751  1.00 14.48 ? 1004 DA  A "O3'" 1 
ATOM   68  C "C2'" . DA  A 1 4 ? 5.417   -2.067 0.293   1.00 12.91 ? 1004 DA  A "C2'" 1 
ATOM   69  C "C1'" . DA  A 1 4 ? 4.424   -0.908 -0.104  1.00 19.32 ? 1004 DA  A "C1'" 1 
ATOM   70  N N9    . DA  A 1 4 ? 2.966   -1.144 0.224   1.00 16.98 ? 1004 DA  A N9    1 
ATOM   71  C C8    . DA  A 1 4 ? 2.302   -2.347 0.344   1.00 17.17 ? 1004 DA  A C8    1 
ATOM   72  N N7    . DA  A 1 4 ? 1.033   -2.150 0.638   1.00 15.44 ? 1004 DA  A N7    1 
ATOM   73  C C5    . DA  A 1 4 ? 0.858   -0.764 0.716   1.00 17.85 ? 1004 DA  A C5    1 
ATOM   74  C C6    . DA  A 1 4 ? -0.249  0.088  0.990   1.00 12.40 ? 1004 DA  A C6    1 
ATOM   75  N N6    . DA  A 1 4 ? -1.456  -0.442 1.252   1.00 17.16 ? 1004 DA  A N6    1 
ATOM   76  N N1    . DA  A 1 4 ? -0.078  1.412  0.984   1.00 13.88 ? 1004 DA  A N1    1 
ATOM   77  C C2    . DA  A 1 4 ? 1.138   1.908  0.719   1.00 10.38 ? 1004 DA  A C2    1 
ATOM   78  N N3    . DA  A 1 4 ? 2.275   1.204  0.442   1.00 18.86 ? 1004 DA  A N3    1 
ATOM   79  C C4    . DA  A 1 4 ? 2.046   -0.128 0.459   1.00 16.50 ? 1004 DA  A C4    1 
ATOM   80  P P     . DC  A 1 5 ? 8.513   -1.169 0.457   1.00 17.31 ? 1005 DC  A P     1 
ATOM   81  O OP1   . DC  A 1 5 ? 9.677   -0.428 -0.108  1.00 18.34 ? 1005 DC  A OP1   1 
ATOM   82  O OP2   . DC  A 1 5 ? 8.600   -2.541 0.972   1.00 19.25 ? 1005 DC  A OP2   1 
ATOM   83  O "O5'" . DC  A 1 5 ? 7.843   -0.238 1.545   1.00 13.64 ? 1005 DC  A "O5'" 1 
ATOM   84  C "C5'" . DC  A 1 5 ? 7.760   1.129  1.200   1.00 14.75 ? 1005 DC  A "C5'" 1 
ATOM   85  C "C4'" . DC  A 1 5 ? 6.913   1.737  2.439   1.00 14.53 ? 1005 DC  A "C4'" 1 
ATOM   86  O "O4'" . DC  A 1 5 ? 5.518   1.264  2.375   1.00 14.68 ? 1005 DC  A "O4'" 1 
ATOM   87  C "C3'" . DC  A 1 5 ? 7.603   1.384  3.777   1.00 14.24 ? 1005 DC  A "C3'" 1 
ATOM   88  O "O3'" . DC  A 1 5 ? 7.466   2.532  4.581   1.00 14.30 ? 1005 DC  A "O3'" 1 
ATOM   89  C "C2'" . DC  A 1 5 ? 6.511   0.350  4.304   1.00 11.67 ? 1005 DC  A "C2'" 1 
ATOM   90  C "C1'" . DC  A 1 5 ? 5.105   0.943  3.791   1.00 14.57 ? 1005 DC  A "C1'" 1 
ATOM   91  N N1    . DC  A 1 5 ? 3.957   0.113  3.856   1.00 11.72 ? 1005 DC  A N1    1 
ATOM   92  C C2    . DC  A 1 5 ? 2.772   0.811  3.979   1.00 12.47 ? 1005 DC  A C2    1 
ATOM   93  O O2    . DC  A 1 5 ? 2.732   2.032  4.026   1.00 13.78 ? 1005 DC  A O2    1 
ATOM   94  N N3    . DC  A 1 5 ? 1.614   0.086  4.056   1.00 11.34 ? 1005 DC  A N3    1 
ATOM   95  C C4    . DC  A 1 5 ? 1.714   -1.243 3.998   1.00 15.17 ? 1005 DC  A C4    1 
ATOM   96  N N4    . DC  A 1 5 ? 0.574   -1.991 4.065   1.00 17.42 ? 1005 DC  A N4    1 
ATOM   97  C C5    . DC  A 1 5 ? 2.911   -1.986 3.870   1.00 10.05 ? 1005 DC  A C5    1 
ATOM   98  C C6    . DC  A 1 5 ? 4.079   -1.256 3.795   1.00 12.01 ? 1005 DC  A C6    1 
ATOM   99  P P     . DG  A 1 6 ? 8.662   2.794  5.671   1.00 18.84 ? 1006 DG  A P     1 
ATOM   100 O OP1   . DG  A 1 6 ? 9.707   3.638  4.985   1.00 22.53 ? 1006 DG  A OP1   1 
ATOM   101 O OP2   . DG  A 1 6 ? 9.033   1.504  6.236   1.00 15.88 ? 1006 DG  A OP2   1 
ATOM   102 O "O5'" . DG  A 1 6 ? 7.972   3.786  6.671   1.00 18.36 ? 1006 DG  A "O5'" 1 
ATOM   103 C "C5'" . DG  A 1 6 ? 6.984   3.114  7.344   1.00 16.62 ? 1006 DG  A "C5'" 1 
ATOM   104 C "C4'" . DG  A 1 6 ? 6.696   4.033  8.661   1.00 20.17 ? 1006 DG  A "C4'" 1 
ATOM   105 O "O4'" . DG  A 1 6 ? 5.480   3.469  9.267   1.00 19.82 ? 1006 DG  A "O4'" 1 
ATOM   106 C "C3'" . DG  A 1 6 ? 7.921   3.952  9.632   1.00 21.74 ? 1006 DG  A "C3'" 1 
ATOM   107 O "O3'" . DG  A 1 6 ? 7.704   5.037  10.522  1.00 25.49 ? 1006 DG  A "O3'" 1 
ATOM   108 C "C2'" . DG  A 1 6 ? 7.427   2.674  10.440  1.00 23.83 ? 1006 DG  A "C2'" 1 
ATOM   109 C "C1'" . DG  A 1 6 ? 5.864   2.792  10.577  1.00 20.94 ? 1006 DG  A "C1'" 1 
ATOM   110 N N9    . DG  A 1 6 ? 5.107   1.469  10.552  1.00 18.61 ? 1006 DG  A N9    1 
ATOM   111 C C8    . DG  A 1 6 ? 5.554   0.198  10.367  1.00 14.01 ? 1006 DG  A C8    1 
ATOM   112 N N7    . DG  A 1 6 ? 4.599   -0.717 10.408  1.00 16.43 ? 1006 DG  A N7    1 
ATOM   113 C C5    . DG  A 1 6 ? 3.448   0.035  10.639  1.00 18.41 ? 1006 DG  A C5    1 
ATOM   114 C C6    . DG  A 1 6 ? 2.109   -0.394 10.778  1.00 14.61 ? 1006 DG  A C6    1 
ATOM   115 O O6    . DG  A 1 6 ? 1.677   -1.569 10.723  1.00 12.51 ? 1006 DG  A O6    1 
ATOM   116 N N1    . DG  A 1 6 ? 1.230   0.688  11.002  1.00 13.76 ? 1006 DG  A N1    1 
ATOM   117 C C2    . DG  A 1 6 ? 1.625   2.001  11.078  1.00 7.69  ? 1006 DG  A C2    1 
ATOM   118 N N2    . DG  A 1 6 ? 0.673   2.959  11.300  1.00 13.89 ? 1006 DG  A N2    1 
ATOM   119 N N3    . DG  A 1 6 ? 2.887   2.409  10.945  1.00 10.36 ? 1006 DG  A N3    1 
ATOM   120 C C4    . DG  A 1 6 ? 3.741   1.377  10.727  1.00 14.24 ? 1006 DG  A C4    1 
HETATM 121 C C8    . DA7 B 2 . ? 0.637   4.772  -8.903  1.00 14.78 ? 3014 DA7 A C8    1 
HETATM 122 C C7    . DA7 B 2 . ? 0.771   6.145  -8.827  1.00 12.96 ? 3014 DA7 A C7    1 
HETATM 123 C C6    . DA7 B 2 . ? -0.345  6.953  -8.585  1.00 14.84 ? 3014 DA7 A C6    1 
HETATM 124 C C5    . DA7 B 2 . ? -1.581  6.360  -8.355  1.00 16.62 ? 3014 DA7 A C5    1 
HETATM 125 F F     . DA7 B 2 . ? -2.662  7.143  -7.985  1.00 25.11 ? 3014 DA7 A F     1 
HETATM 126 N N10   . DA7 B 2 . ? -2.969  4.485  -8.228  1.00 15.38 ? 3014 DA7 A N10   1 
HETATM 127 C C4    . DA7 B 2 . ? -4.553  2.676  -8.238  1.00 25.87 ? 3014 DA7 A C4    1 
HETATM 128 C C3    . DA7 B 2 . ? -4.771  1.291  -8.378  1.00 23.05 ? 3014 DA7 A C3    1 
HETATM 129 C C2    . DA7 B 2 . ? -3.767  0.419  -8.709  1.00 21.43 ? 3014 DA7 A C2    1 
HETATM 130 C C1    . DA7 B 2 . ? -2.493  0.904  -8.897  1.00 21.42 ? 3014 DA7 A C1    1 
HETATM 131 C C13   . DA7 B 2 . ? -0.631  4.149  -8.725  1.00 18.42 ? 3014 DA7 A C13   1 
HETATM 132 C C14   . DA7 B 2 . ? -1.758  4.983  -8.423  1.00 19.79 ? 3014 DA7 A C14   1 
HETATM 133 C C12   . DA7 B 2 . ? -3.239  3.205  -8.424  1.00 22.60 ? 3014 DA7 A C12   1 
HETATM 134 C C11   . DA7 B 2 . ? -2.186  2.269  -8.763  1.00 19.78 ? 3014 DA7 A C11   1 
HETATM 135 C C9    . DA7 B 2 . ? -0.865  2.769  -8.935  1.00 18.90 ? 3014 DA7 A C9    1 
HETATM 136 N N9    . DA7 B 2 . ? 0.164   1.923  -9.181  1.00 21.55 ? 3014 DA7 A N9    1 
HETATM 137 C C15   . DA7 B 2 . ? -5.711  3.548  -7.714  1.00 27.25 ? 3014 DA7 A C15   1 
HETATM 138 O O15   . DA7 B 2 . ? -5.555  4.769  -7.640  1.00 19.70 ? 3014 DA7 A O15   1 
HETATM 139 N N16   . DA7 B 2 . ? -6.870  2.953  -7.317  1.00 38.95 ? 3014 DA7 A N16   1 
HETATM 140 C C17   . DA7 B 2 . ? -7.996  3.799  -6.833  1.00 29.98 ? 3014 DA7 A C17   1 
HETATM 141 C C18   . DA7 B 2 . ? -7.744  4.243  -5.381  0.50 26.71 ? 3014 DA7 A C18   1 
HETATM 142 N N19   . DA7 B 2 . ? -7.088  3.154  -4.571  0.50 24.39 ? 3014 DA7 A N19   1 
HETATM 143 C C20   . DA7 B 2 . ? -6.662  3.689  -3.241  0.50 14.30 ? 3014 DA7 A C20   1 
HETATM 144 C C21   . DA7 B 2 . ? -8.009  1.978  -4.430  0.50 29.50 ? 3014 DA7 A C21   1 
HETATM 145 C C8    A DA7 C 2 . ? -2.524  0.941  14.894  0.50 26.57 ? 3015 DA7 A C8    1 
HETATM 146 C C7    A DA7 C 2 . ? -3.433  -0.111 14.906  0.50 26.23 ? 3015 DA7 A C7    1 
HETATM 147 C C6    A DA7 C 2 . ? -2.987  -1.415 14.755  0.50 20.18 ? 3015 DA7 A C6    1 
HETATM 148 C C5    A DA7 C 2 . ? -1.652  -1.674 14.454  0.50 9.85  ? 3015 DA7 A C5    1 
HETATM 149 F F     A DA7 C 2 . ? -1.241  -3.000 14.344  0.50 13.40 ? 3015 DA7 A F     1 
HETATM 150 N N10   A DA7 C 2 . ? 0.539   -0.931 14.286  0.50 14.11 ? 3015 DA7 A N10   1 
HETATM 151 C C4    A DA7 C 2 . ? 2.837   -0.462 13.992  0.50 14.75 ? 3015 DA7 A C4    1 
HETATM 152 C C3    A DA7 C 2 . ? 3.838   0.521  13.926  0.50 17.95 ? 3015 DA7 A C3    1 
HETATM 153 C C2    A DA7 C 2 . ? 3.541   1.853  14.104  0.50 10.09 ? 3015 DA7 A C2    1 
HETATM 154 C C1    A DA7 C 2 . ? 2.254   2.277  14.336  0.50 12.18 ? 3015 DA7 A C1    1 
HETATM 155 C C13   A DA7 C 2 . ? -1.153  0.714  14.643  0.50 14.07 ? 3015 DA7 A C13   1 
HETATM 156 C C14   A DA7 C 2 . ? -0.716  -0.641 14.500  0.50 8.93  ? 3015 DA7 A C14   1 
HETATM 157 C C12   A DA7 C 2 . ? 1.481   -0.009 14.167  0.50 8.03  ? 3015 DA7 A C12   1 
HETATM 158 C C11   A DA7 C 2 . ? 1.180   1.376  14.428  0.50 15.27 ? 3015 DA7 A C11   1 
HETATM 159 C C9    A DA7 C 2 . ? -0.167  1.741  14.707  0.50 7.33  ? 3015 DA7 A C9    1 
HETATM 160 N N9    A DA7 C 2 . ? -0.614  3.013  14.823  0.50 11.23 ? 3015 DA7 A N9    1 
HETATM 161 C C15   A DA7 C 2 . ? 3.149   -1.962 13.746  0.50 21.65 ? 3015 DA7 A C15   1 
HETATM 162 O O15   A DA7 C 2 . ? 2.273   -2.811 13.984  0.50 11.66 ? 3015 DA7 A O15   1 
HETATM 163 N N16   A DA7 C 2 . ? 4.336   -2.377 13.239  0.50 23.07 ? 3015 DA7 A N16   1 
HETATM 164 C C17   A DA7 C 2 . ? 4.668   -3.802 13.057  0.38 15.30 ? 3015 DA7 A C17   1 
HETATM 165 C C18   A DA7 C 2 . ? 4.539   -4.287 11.610  0.38 12.58 ? 3015 DA7 A C18   1 
HETATM 166 N N19   A DA7 C 2 . ? 5.138   -3.391 10.563  0.38 10.47 ? 3015 DA7 A N19   1 
HETATM 167 C C20   A DA7 C 2 . ? 6.611   -3.572 10.437  0.38 17.78 ? 3015 DA7 A C20   1 
HETATM 168 C C21   A DA7 C 2 . ? 4.466   -3.522 9.237   0.38 18.80 ? 3015 DA7 A C21   1 
HETATM 169 O O     . HOH D 3 . ? -10.565 2.213  -13.368 1.00 12.26 ? 4001 HOH A O     1 
HETATM 170 O O     . HOH D 3 . ? -8.110  -7.146 -7.639  1.00 14.55 ? 4002 HOH A O     1 
HETATM 171 O O     . HOH D 3 . ? 10.092  6.345  4.742   1.00 17.62 ? 4003 HOH A O     1 
HETATM 172 O O     . HOH D 3 . ? 5.328   6.346  11.833  1.00 18.94 ? 4004 HOH A O     1 
HETATM 173 O O     . HOH D 3 . ? -0.366  -1.260 -7.326  1.00 27.27 ? 4005 HOH A O     1 
HETATM 174 O O     . HOH D 3 . ? -12.100 -0.131 -9.559  1.00 23.62 ? 4006 HOH A O     1 
HETATM 175 O O     . HOH D 3 . ? -8.185  0.466  -7.854  1.00 24.25 ? 4007 HOH A O     1 
HETATM 176 O O     . HOH D 3 . ? 8.123   -0.159 8.247   1.00 34.18 ? 4008 HOH A O     1 
HETATM 177 O O     . HOH D 3 . ? 10.293  -0.381 5.505   1.00 39.67 ? 4009 HOH A O     1 
HETATM 178 O O     . HOH D 3 . ? -1.063  -3.304 1.337   1.00 28.39 ? 4010 HOH A O     1 
HETATM 179 O O     . HOH D 3 . ? -9.501  -3.257 -5.732  1.00 26.48 ? 4011 HOH A O     1 
HETATM 180 O O     . HOH D 3 . ? -11.550 -2.424 -8.355  1.00 25.57 ? 4012 HOH A O     1 
HETATM 181 O O     . HOH D 3 . ? 6.967   -3.240 3.318   1.00 31.33 ? 4013 HOH A O     1 
HETATM 182 O O     . HOH D 3 . ? -6.356  7.271  -8.427  1.00 33.81 ? 4014 HOH A O     1 
HETATM 183 O O     . HOH D 3 . ? 5.480   4.791  14.036  1.00 22.81 ? 4015 HOH A O     1 
HETATM 184 O O     . HOH D 3 . ? 0.673   -4.742 4.446   1.00 36.58 ? 4016 HOH A O     1 
HETATM 185 O O     . HOH D 3 . ? 3.633   -4.930 1.745   1.00 34.50 ? 4017 HOH A O     1 
HETATM 186 O O     . HOH D 3 . ? 10.123  2.723  2.670   1.00 23.75 ? 4018 HOH A O     1 
HETATM 187 O O     . HOH D 3 . ? 11.647  0.443  1.719   1.00 18.74 ? 4019 HOH A O     1 
HETATM 188 O O     . HOH D 3 . ? -7.196  -4.154 -4.401  0.50 23.35 ? 4020 HOH A O     1 
HETATM 189 O O     . HOH D 3 . ? -7.635  -2.874 -3.856  0.50 21.35 ? 4021 HOH A O     1 
HETATM 190 O O     . HOH D 3 . ? 6.722   -2.693 6.865   1.00 32.95 ? 4022 HOH A O     1 
# 
